data_1NAN
#
_entry.id   1NAN
#
_cell.length_a   65.981
_cell.length_b   88.614
_cell.length_c   89.174
_cell.angle_alpha   90.00
_cell.angle_beta   111.60
_cell.angle_gamma   90.00
#
_symmetry.space_group_name_H-M   'P 1 21 1'
#
loop_
_entity.id
_entity.type
_entity.pdbx_description
1 polymer 'H-2 class I histocompatibility antigen, K-B alpha chain'
2 polymer Beta-2-microglobulin
3 polymer 'pBM1 peptide'
4 water water
#
loop_
_entity_poly.entity_id
_entity_poly.type
_entity_poly.pdbx_seq_one_letter_code
_entity_poly.pdbx_strand_id
1 'polypeptide(L)'
;GPHSLRYFVTAVSRPGLGEPRYMEVGYVDDTEFVRFDSDAENPRYEPRARWMEQEGPEYWERETQKAKGNEQSFRVDLRT
LLGYYNQSKGGSHTIQVISGCEVGSDGRLLRGYQQYAYDGCDYIALNEDLKTWTAADMAALITKHKWEQAGEAERLRAYL
EGTCVEWLRRYLKNGNATLLRTDSPKAHVTHHSRPEDKVTLRCWALGFYPADITLTWQLNGEELIQDMELVETRPAGDGT
FQKWASVVVPLGKEQYYTCHVYHQGLPEPLTLRWEPPP
;
H,L
2 'polypeptide(L)'
;IQKTPQIQVYSRHPPENGKPNILNCYVTQFHPPHIEIQMLKNGKKIPKVEMSDMSFSKDWSFYILAHTEFTPTETDTYAC
RVKHDSMAEPKTVYWDRDM
;
P,I
3 'polypeptide(L)' INFDFNTI M,Q
#
# COMPACT_ATOMS: atom_id res chain seq x y z
N GLY A 1 -5.79 12.19 32.97
CA GLY A 1 -5.45 12.41 31.53
C GLY A 1 -6.67 12.83 30.72
N PRO A 2 -6.61 12.61 29.39
CA PRO A 2 -7.74 12.90 28.51
C PRO A 2 -8.89 11.91 28.66
N HIS A 3 -10.01 12.17 27.99
CA HIS A 3 -11.17 11.29 28.09
C HIS A 3 -11.98 11.34 26.82
N SER A 4 -12.73 10.27 26.55
CA SER A 4 -13.42 10.09 25.26
C SER A 4 -14.81 9.51 25.41
N LEU A 5 -15.73 10.01 24.60
CA LEU A 5 -17.03 9.38 24.40
C LEU A 5 -17.14 9.10 22.89
N ARG A 6 -17.18 7.83 22.54
CA ARG A 6 -17.29 7.40 21.15
C ARG A 6 -18.53 6.52 20.97
N TYR A 7 -19.22 6.70 19.85
CA TYR A 7 -20.27 5.75 19.45
C TYR A 7 -19.85 5.08 18.15
N PHE A 8 -19.89 3.75 18.13
CA PHE A 8 -19.55 2.97 16.94
C PHE A 8 -20.85 2.39 16.38
N VAL A 9 -21.18 2.82 15.15
CA VAL A 9 -22.40 2.35 14.47
C VAL A 9 -22.11 1.39 13.30
N THR A 10 -22.91 0.35 13.20
CA THR A 10 -22.84 -0.63 12.14
C THR A 10 -24.23 -0.94 11.63
N ALA A 11 -24.45 -0.83 10.32
CA ALA A 11 -25.65 -1.32 9.70
C ALA A 11 -25.22 -2.23 8.56
N VAL A 12 -25.72 -3.46 8.53
CA VAL A 12 -25.34 -4.34 7.43
C VAL A 12 -26.53 -5.04 6.77
N SER A 13 -26.67 -4.81 5.46
CA SER A 13 -27.75 -5.42 4.73
C SER A 13 -27.45 -6.90 4.54
N ARG A 14 -28.50 -7.68 4.32
CA ARG A 14 -28.32 -9.11 4.14
C ARG A 14 -29.47 -9.58 3.27
N PRO A 15 -29.37 -9.28 1.98
CA PRO A 15 -30.48 -9.52 1.04
C PRO A 15 -31.01 -10.91 1.23
N GLY A 16 -32.33 -11.05 1.18
CA GLY A 16 -32.96 -12.34 1.38
C GLY A 16 -33.17 -12.69 2.85
N LEU A 17 -32.08 -12.62 3.65
CA LEU A 17 -32.10 -13.02 5.06
C LEU A 17 -32.91 -12.17 6.06
N GLY A 18 -33.55 -11.10 5.59
CA GLY A 18 -34.27 -10.21 6.49
C GLY A 18 -33.78 -8.77 6.47
N GLU A 19 -34.35 -7.96 7.36
CA GLU A 19 -33.99 -6.55 7.47
C GLU A 19 -32.53 -6.35 7.90
N PRO A 20 -31.97 -5.19 7.55
CA PRO A 20 -30.59 -4.84 7.96
C PRO A 20 -30.33 -5.05 9.44
N ARG A 21 -29.19 -5.62 9.74
CA ARG A 21 -28.64 -5.69 11.07
C ARG A 21 -28.21 -4.27 11.45
N TYR A 22 -28.61 -3.80 12.63
CA TYR A 22 -28.23 -2.47 13.08
C TYR A 22 -27.72 -2.52 14.52
N MET A 23 -26.55 -1.92 14.76
CA MET A 23 -25.89 -1.94 16.05
C MET A 23 -25.38 -0.54 16.38
N GLU A 24 -25.56 -0.15 17.64
CA GLU A 24 -24.97 1.05 18.22
C GLU A 24 -24.24 0.60 19.47
N VAL A 25 -22.97 0.94 19.58
CA VAL A 25 -22.17 0.63 20.77
C VAL A 25 -21.49 1.92 21.28
N GLY A 26 -21.65 2.21 22.56
CA GLY A 26 -21.01 3.38 23.15
C GLY A 26 -19.76 3.05 23.95
N TYR A 27 -18.82 3.99 24.01
CA TYR A 27 -17.55 3.77 24.73
C TYR A 27 -17.14 5.00 25.52
N VAL A 28 -16.82 4.78 26.80
CA VAL A 28 -16.16 5.82 27.58
C VAL A 28 -14.71 5.33 27.73
N ASP A 29 -13.76 6.07 27.15
CA ASP A 29 -12.34 5.69 27.14
C ASP A 29 -12.12 4.21 26.80
N ASP A 30 -12.50 3.79 25.60
CA ASP A 30 -12.36 2.38 25.23
C ASP A 30 -13.21 1.38 26.02
N THR A 31 -13.90 1.84 27.06
CA THR A 31 -14.79 0.92 27.78
C THR A 31 -16.25 0.97 27.31
N GLU A 32 -16.73 -0.17 26.80
CA GLU A 32 -18.10 -0.27 26.28
C GLU A 32 -19.11 -0.07 27.40
N PHE A 33 -20.05 0.86 27.23
CA PHE A 33 -21.02 1.11 28.30
C PHE A 33 -22.51 0.96 27.93
N VAL A 34 -22.86 1.23 26.69
CA VAL A 34 -24.22 0.90 26.21
C VAL A 34 -24.09 0.13 24.93
N ARG A 35 -25.19 -0.51 24.52
CA ARG A 35 -25.24 -1.23 23.26
C ARG A 35 -26.70 -1.45 22.85
N PHE A 36 -26.92 -1.35 21.55
CA PHE A 36 -28.21 -1.62 20.96
C PHE A 36 -27.93 -2.63 19.86
N ASP A 37 -28.84 -3.56 19.63
CA ASP A 37 -28.63 -4.57 18.61
C ASP A 37 -30.01 -4.94 18.15
N SER A 38 -30.31 -4.65 16.89
CA SER A 38 -31.66 -4.81 16.35
C SER A 38 -32.01 -6.27 16.17
N ASP A 39 -31.03 -7.16 16.30
CA ASP A 39 -31.28 -8.60 16.22
C ASP A 39 -31.59 -9.24 17.57
N ALA A 40 -31.72 -8.43 18.61
CA ALA A 40 -32.09 -8.94 19.91
C ALA A 40 -33.59 -9.24 19.91
N GLU A 41 -34.01 -10.21 20.73
CA GLU A 41 -35.43 -10.50 20.95
C GLU A 41 -36.24 -9.22 21.17
N ASN A 42 -35.86 -8.45 22.20
CA ASN A 42 -36.45 -7.13 22.44
C ASN A 42 -35.45 -5.96 22.25
N PRO A 43 -35.49 -5.31 21.09
CA PRO A 43 -34.46 -4.32 20.71
C PRO A 43 -34.54 -3.05 21.53
N ARG A 44 -33.70 -2.94 22.56
CA ARG A 44 -33.62 -1.72 23.38
C ARG A 44 -32.17 -1.34 23.71
N TYR A 45 -31.93 -0.08 24.04
CA TYR A 45 -30.66 0.32 24.62
C TYR A 45 -30.45 -0.36 25.97
N GLU A 46 -29.33 -1.06 26.10
CA GLU A 46 -29.02 -1.89 27.25
C GLU A 46 -27.69 -1.44 27.87
N PRO A 47 -27.65 -1.34 29.19
CA PRO A 47 -26.42 -1.01 29.92
C PRO A 47 -25.38 -2.11 29.77
N ARG A 48 -24.12 -1.73 29.65
CA ARG A 48 -23.07 -2.72 29.46
C ARG A 48 -21.97 -2.50 30.47
N ALA A 49 -21.91 -1.29 31.03
CA ALA A 49 -21.12 -1.04 32.22
C ALA A 49 -22.07 -0.90 33.39
N ARG A 50 -21.90 -1.76 34.38
CA ARG A 50 -22.83 -1.77 35.51
C ARG A 50 -23.02 -0.40 36.18
N TRP A 51 -22.07 0.52 35.99
CA TRP A 51 -22.23 1.89 36.49
C TRP A 51 -23.31 2.67 35.77
N MET A 52 -23.77 2.15 34.63
CA MET A 52 -24.86 2.77 33.88
C MET A 52 -26.21 2.53 34.52
N GLU A 53 -26.28 1.60 35.47
CA GLU A 53 -27.55 1.28 36.12
C GLU A 53 -28.03 2.46 36.95
N GLN A 54 -27.22 3.51 37.00
CA GLN A 54 -27.57 4.76 37.63
C GLN A 54 -28.68 5.56 36.91
N GLU A 55 -28.85 5.36 35.60
CA GLU A 55 -29.80 6.19 34.86
C GLU A 55 -31.23 5.72 35.00
N GLY A 56 -32.17 6.67 34.92
CA GLY A 56 -33.58 6.36 35.06
C GLY A 56 -34.23 5.81 33.81
N PRO A 57 -35.33 5.08 33.97
CA PRO A 57 -35.99 4.41 32.84
C PRO A 57 -36.23 5.35 31.66
N GLU A 58 -36.34 6.65 31.91
CA GLU A 58 -36.53 7.61 30.82
C GLU A 58 -35.33 7.58 29.87
N TYR A 59 -34.13 7.74 30.43
CA TYR A 59 -32.91 7.64 29.65
C TYR A 59 -32.99 6.49 28.63
N TRP A 60 -33.20 5.27 29.11
CA TRP A 60 -33.24 4.08 28.26
C TRP A 60 -34.37 4.09 27.24
N GLU A 61 -35.54 4.56 27.65
CA GLU A 61 -36.67 4.66 26.75
C GLU A 61 -36.35 5.63 25.59
N ARG A 62 -35.68 6.73 25.94
CA ARG A 62 -35.41 7.80 25.00
C ARG A 62 -34.20 7.53 24.09
N GLU A 63 -33.22 6.78 24.58
CA GLU A 63 -32.09 6.43 23.75
C GLU A 63 -32.44 5.23 22.85
N THR A 64 -33.28 4.33 23.34
CA THR A 64 -33.84 3.25 22.52
C THR A 64 -34.55 3.80 21.29
N GLN A 65 -35.45 4.75 21.53
CA GLN A 65 -36.20 5.37 20.45
C GLN A 65 -35.25 6.12 19.51
N LYS A 66 -34.16 6.66 20.04
CA LYS A 66 -33.16 7.29 19.20
C LYS A 66 -32.47 6.22 18.32
N ALA A 67 -32.15 5.09 18.92
CA ALA A 67 -31.56 4.03 18.14
C ALA A 67 -32.50 3.64 17.00
N LYS A 68 -33.76 3.38 17.34
CA LYS A 68 -34.73 2.99 16.32
C LYS A 68 -34.76 3.98 15.16
N GLY A 69 -34.78 5.26 15.46
CA GLY A 69 -34.73 6.30 14.43
C GLY A 69 -33.44 6.32 13.61
N ASN A 70 -32.32 6.12 14.29
CA ASN A 70 -31.05 5.97 13.59
C ASN A 70 -31.09 4.77 12.63
N GLU A 71 -31.68 3.65 13.09
CA GLU A 71 -31.77 2.44 12.26
C GLU A 71 -32.44 2.76 10.95
N GLN A 72 -33.47 3.61 10.99
CA GLN A 72 -34.20 3.96 9.79
C GLN A 72 -33.33 4.77 8.82
N SER A 73 -32.63 5.78 9.35
CA SER A 73 -31.67 6.54 8.57
C SER A 73 -30.63 5.66 7.87
N PHE A 74 -30.04 4.73 8.62
CA PHE A 74 -28.99 3.86 8.06
C PHE A 74 -29.56 2.85 7.07
N ARG A 75 -30.76 2.37 7.35
CA ARG A 75 -31.41 1.49 6.41
C ARG A 75 -31.63 2.24 5.09
N VAL A 76 -31.96 3.54 5.15
CA VAL A 76 -32.15 4.34 3.93
C VAL A 76 -30.81 4.68 3.29
N ASP A 77 -29.81 4.94 4.12
CA ASP A 77 -28.43 5.03 3.65
C ASP A 77 -28.04 3.81 2.82
N LEU A 78 -28.29 2.61 3.34
CA LEU A 78 -27.94 1.42 2.57
C LEU A 78 -28.50 1.47 1.15
N ARG A 79 -29.80 1.79 1.04
CA ARG A 79 -30.51 1.92 -0.24
C ARG A 79 -29.94 3.02 -1.10
N THR A 80 -29.66 4.16 -0.49
CA THR A 80 -29.04 5.24 -1.18
C THR A 80 -27.68 4.87 -1.77
N LEU A 81 -26.87 4.15 -1.01
CA LEU A 81 -25.55 3.86 -1.53
C LEU A 81 -25.56 2.87 -2.70
N LEU A 82 -26.61 2.06 -2.82
CA LEU A 82 -26.74 1.15 -3.97
C LEU A 82 -26.98 1.97 -5.23
N GLY A 83 -27.73 3.06 -5.09
CA GLY A 83 -27.88 4.01 -6.17
C GLY A 83 -26.58 4.69 -6.52
N TYR A 84 -25.94 5.28 -5.52
CA TYR A 84 -24.69 5.98 -5.76
C TYR A 84 -23.62 5.11 -6.42
N TYR A 85 -23.45 3.88 -5.94
CA TYR A 85 -22.38 3.03 -6.46
C TYR A 85 -22.84 2.02 -7.52
N ASN A 86 -24.07 2.16 -8.01
CA ASN A 86 -24.56 1.26 -9.06
C ASN A 86 -24.39 -0.21 -8.65
N GLN A 87 -24.80 -0.54 -7.43
CA GLN A 87 -24.62 -1.89 -6.90
C GLN A 87 -25.93 -2.64 -6.87
N SER A 88 -25.86 -3.96 -6.92
CA SER A 88 -27.07 -4.78 -6.97
C SER A 88 -27.85 -4.79 -5.66
N LYS A 89 -29.17 -4.92 -5.78
CA LYS A 89 -30.02 -4.97 -4.61
C LYS A 89 -29.85 -6.32 -3.90
N GLY A 90 -29.12 -7.24 -4.51
CA GLY A 90 -29.01 -8.59 -3.96
C GLY A 90 -27.77 -8.86 -3.12
N GLY A 91 -26.91 -7.84 -2.99
CA GLY A 91 -25.64 -8.02 -2.30
C GLY A 91 -25.65 -7.50 -0.87
N SER A 92 -24.67 -7.96 -0.10
CA SER A 92 -24.56 -7.61 1.31
C SER A 92 -23.62 -6.43 1.52
N HIS A 93 -24.09 -5.35 2.14
CA HIS A 93 -23.21 -4.18 2.31
C HIS A 93 -23.20 -3.65 3.74
N THR A 94 -22.16 -2.92 4.06
CA THR A 94 -21.92 -2.52 5.42
C THR A 94 -21.71 -1.02 5.49
N ILE A 95 -22.38 -0.36 6.42
CA ILE A 95 -22.04 1.03 6.76
C ILE A 95 -21.54 1.07 8.19
N GLN A 96 -20.41 1.74 8.39
CA GLN A 96 -19.90 2.01 9.73
C GLN A 96 -19.71 3.51 10.03
N VAL A 97 -19.92 3.85 11.30
CA VAL A 97 -19.65 5.19 11.76
C VAL A 97 -18.93 5.12 13.09
N ILE A 98 -17.95 6.00 13.25
CA ILE A 98 -17.36 6.24 14.55
C ILE A 98 -17.58 7.70 14.79
N SER A 99 -18.25 8.00 15.88
CA SER A 99 -18.68 9.36 16.19
C SER A 99 -18.39 9.65 17.67
N GLY A 100 -17.86 10.84 17.93
CA GLY A 100 -17.48 11.18 19.29
C GLY A 100 -16.62 12.42 19.52
N CYS A 101 -16.27 12.60 20.79
CA CYS A 101 -15.50 13.75 21.21
C CYS A 101 -14.43 13.29 22.20
N GLU A 102 -13.29 13.99 22.20
CA GLU A 102 -12.33 13.84 23.29
C GLU A 102 -12.24 15.17 24.03
N VAL A 103 -12.49 15.13 25.34
CA VAL A 103 -12.36 16.32 26.16
C VAL A 103 -11.14 16.19 27.05
N GLY A 104 -10.56 17.32 27.40
CA GLY A 104 -9.34 17.33 28.18
C GLY A 104 -9.57 17.08 29.65
N SER A 105 -8.47 17.02 30.37
CA SER A 105 -8.49 16.95 31.82
C SER A 105 -9.21 18.16 32.46
N ASP A 106 -9.24 19.29 31.76
CA ASP A 106 -9.94 20.45 32.29
C ASP A 106 -11.43 20.42 31.95
N GLY A 107 -11.86 19.41 31.18
CA GLY A 107 -13.23 19.35 30.72
C GLY A 107 -13.56 20.09 29.41
N ARG A 108 -12.54 20.64 28.75
CA ARG A 108 -12.73 21.26 27.44
C ARG A 108 -12.52 20.28 26.28
N LEU A 109 -13.33 20.46 25.24
CA LEU A 109 -13.21 19.71 24.00
C LEU A 109 -11.84 19.84 23.34
N LEU A 110 -11.21 18.70 23.08
CA LEU A 110 -9.95 18.68 22.35
C LEU A 110 -10.12 18.18 20.91
N ARG A 111 -11.33 17.82 20.50
CA ARG A 111 -11.52 17.14 19.21
C ARG A 111 -12.89 16.47 19.06
N GLY A 112 -13.67 16.93 18.10
CA GLY A 112 -14.92 16.30 17.74
C GLY A 112 -14.69 15.60 16.41
N TYR A 113 -15.30 14.44 16.21
CA TYR A 113 -15.14 13.75 14.95
C TYR A 113 -16.33 12.92 14.63
N GLN A 114 -16.51 12.65 13.35
CA GLN A 114 -17.50 11.71 12.88
C GLN A 114 -17.05 11.16 11.56
N GLN A 115 -16.84 9.85 11.49
CA GLN A 115 -16.30 9.21 10.29
C GLN A 115 -17.22 8.12 9.78
N TYR A 116 -17.40 8.09 8.46
CA TYR A 116 -18.25 7.07 7.82
C TYR A 116 -17.39 6.15 6.97
N ALA A 117 -17.80 4.89 6.88
CA ALA A 117 -17.16 3.92 6.00
C ALA A 117 -18.22 3.10 5.28
N TYR A 118 -17.89 2.70 4.05
CA TYR A 118 -18.77 1.85 3.29
C TYR A 118 -17.95 0.66 2.85
N ASP A 119 -18.56 -0.51 2.92
CA ASP A 119 -17.81 -1.76 2.78
C ASP A 119 -16.36 -1.70 3.21
N GLY A 120 -16.13 -1.15 4.41
CA GLY A 120 -14.81 -1.10 5.01
C GLY A 120 -13.85 -0.04 4.48
N CYS A 121 -14.31 0.83 3.59
CA CYS A 121 -13.49 1.93 3.07
C CYS A 121 -13.99 3.30 3.51
N ASP A 122 -13.08 4.19 3.89
CA ASP A 122 -13.49 5.54 4.27
C ASP A 122 -14.49 6.06 3.24
N TYR A 123 -15.53 6.74 3.70
CA TYR A 123 -16.56 7.29 2.82
C TYR A 123 -16.54 8.81 2.92
N ILE A 124 -16.76 9.32 4.12
CA ILE A 124 -16.77 10.75 4.35
C ILE A 124 -16.48 11.00 5.81
N ALA A 125 -15.90 12.16 6.11
CA ALA A 125 -15.47 12.52 7.46
C ALA A 125 -15.57 14.03 7.74
N LEU A 126 -15.97 14.38 8.97
CA LEU A 126 -15.95 15.78 9.41
C LEU A 126 -14.53 16.22 9.80
N ASN A 127 -14.09 17.38 9.34
CA ASN A 127 -12.74 17.84 9.65
C ASN A 127 -12.55 18.39 11.08
N GLU A 128 -11.29 18.42 11.53
CA GLU A 128 -10.90 19.07 12.79
C GLU A 128 -11.75 20.28 13.16
N ASP A 129 -12.00 21.14 12.19
CA ASP A 129 -12.68 22.42 12.41
C ASP A 129 -14.16 22.29 12.74
N LEU A 130 -14.71 21.08 12.61
CA LEU A 130 -16.13 20.87 12.84
C LEU A 130 -17.05 21.59 11.86
N LYS A 131 -16.50 22.16 10.79
CA LYS A 131 -17.26 22.94 9.81
C LYS A 131 -17.34 22.30 8.43
N THR A 132 -16.31 21.57 8.01
CA THR A 132 -16.29 21.01 6.65
C THR A 132 -16.12 19.49 6.60
N TRP A 133 -16.47 18.91 5.45
CA TRP A 133 -16.38 17.47 5.23
C TRP A 133 -15.25 17.07 4.30
N THR A 134 -14.68 15.90 4.53
CA THR A 134 -13.75 15.34 3.56
C THR A 134 -14.31 14.09 2.90
N ALA A 135 -14.67 14.21 1.62
CA ALA A 135 -15.20 13.09 0.83
C ALA A 135 -14.06 12.26 0.27
N ALA A 136 -14.26 10.94 0.19
CA ALA A 136 -13.19 10.02 -0.20
C ALA A 136 -13.30 9.53 -1.63
N ASP A 137 -14.46 9.72 -2.25
CA ASP A 137 -14.66 9.35 -3.63
C ASP A 137 -15.83 10.14 -4.15
N MET A 138 -16.17 9.95 -5.42
CA MET A 138 -17.25 10.63 -6.13
C MET A 138 -18.60 10.53 -5.39
N ALA A 139 -18.97 9.34 -4.95
CA ALA A 139 -20.24 9.16 -4.22
C ALA A 139 -20.31 10.04 -2.97
N ALA A 140 -19.22 10.06 -2.20
CA ALA A 140 -19.17 10.80 -0.94
C ALA A 140 -19.27 12.28 -1.23
N LEU A 141 -18.92 12.66 -2.47
CA LEU A 141 -18.97 14.05 -2.89
C LEU A 141 -20.43 14.53 -2.88
N ILE A 142 -21.33 13.68 -3.37
CA ILE A 142 -22.77 13.96 -3.37
C ILE A 142 -23.25 14.18 -1.93
N THR A 143 -22.86 13.30 -1.01
CA THR A 143 -23.17 13.49 0.41
C THR A 143 -22.64 14.82 0.97
N LYS A 144 -21.40 15.16 0.62
CA LYS A 144 -20.78 16.38 1.10
C LYS A 144 -21.51 17.64 0.70
N HIS A 145 -22.00 17.72 -0.55
CA HIS A 145 -22.76 18.89 -1.00
C HIS A 145 -24.16 18.96 -0.40
N LYS A 146 -24.83 17.82 -0.29
CA LYS A 146 -26.12 17.79 0.37
C LYS A 146 -26.00 18.34 1.82
N TRP A 147 -25.05 17.81 2.58
CA TRP A 147 -24.82 18.25 3.98
C TRP A 147 -24.36 19.71 4.11
N GLU A 148 -23.56 20.17 3.16
CA GLU A 148 -23.13 21.57 3.13
C GLU A 148 -24.33 22.45 2.88
N GLN A 149 -25.17 22.03 1.93
CA GLN A 149 -26.43 22.71 1.65
C GLN A 149 -27.34 22.74 2.89
N ALA A 150 -27.51 21.59 3.53
CA ALA A 150 -28.37 21.49 4.72
C ALA A 150 -27.74 22.08 6.00
N GLY A 151 -26.44 22.40 5.95
CA GLY A 151 -25.74 22.91 7.12
C GLY A 151 -25.62 21.88 8.22
N GLU A 152 -25.63 20.60 7.83
CA GLU A 152 -25.57 19.48 8.78
C GLU A 152 -24.38 19.59 9.73
N ALA A 153 -23.27 20.14 9.23
CA ALA A 153 -22.07 20.28 10.05
C ALA A 153 -22.24 21.21 11.26
N GLU A 154 -23.09 22.23 11.12
CA GLU A 154 -23.39 23.11 12.24
C GLU A 154 -24.18 22.35 13.29
N ARG A 155 -25.11 21.51 12.86
CA ARG A 155 -25.91 20.69 13.78
C ARG A 155 -25.08 19.58 14.49
N LEU A 156 -24.14 18.99 13.77
CA LEU A 156 -23.26 17.95 14.32
C LEU A 156 -22.37 18.63 15.34
N ARG A 157 -21.80 19.75 14.90
CA ARG A 157 -20.93 20.58 15.74
C ARG A 157 -21.55 20.88 17.12
N ALA A 158 -22.83 21.26 17.13
CA ALA A 158 -23.52 21.58 18.38
C ALA A 158 -23.61 20.36 19.28
N TYR A 159 -23.81 19.20 18.68
CA TYR A 159 -23.83 17.97 19.42
C TYR A 159 -22.46 17.74 20.02
N LEU A 160 -21.44 17.84 19.21
CA LEU A 160 -20.09 17.49 19.64
C LEU A 160 -19.57 18.47 20.68
N GLU A 161 -19.79 19.75 20.46
CA GLU A 161 -19.31 20.77 21.38
C GLU A 161 -20.11 20.82 22.67
N GLY A 162 -21.36 20.35 22.63
CA GLY A 162 -22.22 20.46 23.79
C GLY A 162 -22.71 19.14 24.36
N THR A 163 -23.78 18.62 23.77
CA THR A 163 -24.37 17.36 24.20
C THR A 163 -23.35 16.28 24.53
N CYS A 164 -22.46 16.03 23.57
CA CYS A 164 -21.45 14.98 23.71
C CYS A 164 -20.60 15.28 24.92
N VAL A 165 -20.08 16.51 24.99
CA VAL A 165 -19.20 16.89 26.09
C VAL A 165 -19.90 16.74 27.46
N GLU A 166 -21.11 17.27 27.58
CA GLU A 166 -21.78 17.23 28.88
C GLU A 166 -22.05 15.82 29.38
N TRP A 167 -22.60 14.96 28.51
CA TRP A 167 -22.76 13.57 28.89
C TRP A 167 -21.41 12.88 29.13
N LEU A 168 -20.37 13.27 28.40
CA LEU A 168 -19.07 12.65 28.68
C LEU A 168 -18.75 12.92 30.15
N ARG A 169 -18.74 14.19 30.54
CA ARG A 169 -18.49 14.53 31.94
C ARG A 169 -19.44 13.74 32.83
N ARG A 170 -20.73 13.80 32.51
CA ARG A 170 -21.73 13.09 33.29
C ARG A 170 -21.42 11.60 33.44
N TYR A 171 -21.15 10.91 32.33
CA TYR A 171 -20.78 9.49 32.41
C TYR A 171 -19.47 9.32 33.20
N LEU A 172 -18.48 10.19 32.99
CA LEU A 172 -17.28 10.12 33.81
C LEU A 172 -17.63 10.17 35.31
N LYS A 173 -18.61 11.00 35.68
CA LYS A 173 -19.09 11.08 37.06
C LYS A 173 -19.41 9.69 37.58
N ASN A 174 -20.52 9.15 37.09
CA ASN A 174 -20.97 7.81 37.46
C ASN A 174 -19.88 6.73 37.39
N GLY A 175 -19.10 6.71 36.31
CA GLY A 175 -18.06 5.72 36.13
C GLY A 175 -16.73 6.18 36.68
N ASN A 176 -16.78 7.17 37.58
CA ASN A 176 -15.61 7.75 38.25
C ASN A 176 -14.63 8.49 37.33
N ALA A 177 -14.44 9.78 37.62
CA ALA A 177 -13.64 10.68 36.79
C ALA A 177 -12.26 10.10 36.47
N THR A 178 -12.20 9.27 35.43
CA THR A 178 -10.94 8.67 35.01
C THR A 178 -10.77 7.27 35.58
N LEU A 179 -11.78 6.42 35.37
CA LEU A 179 -11.82 5.06 35.90
C LEU A 179 -10.65 4.19 35.45
N LEU A 180 -9.46 4.49 35.94
CA LEU A 180 -8.31 3.61 35.76
C LEU A 180 -8.36 2.47 36.76
N ARG A 181 -9.28 1.52 36.55
CA ARG A 181 -9.19 0.22 37.19
C ARG A 181 -7.86 -0.31 36.68
N THR A 182 -7.18 -1.14 37.46
CA THR A 182 -5.87 -1.62 37.02
C THR A 182 -5.43 -2.95 37.60
N ASP A 183 -5.14 -3.90 36.70
CA ASP A 183 -4.49 -5.15 37.07
C ASP A 183 -3.14 -5.15 36.40
N SER A 184 -2.08 -5.18 37.17
CA SER A 184 -0.75 -5.16 36.61
C SER A 184 -0.42 -6.59 36.14
N PRO A 185 0.47 -6.70 35.17
CA PRO A 185 0.77 -7.99 34.54
C PRO A 185 1.52 -8.92 35.46
N LYS A 186 1.15 -10.18 35.47
CA LYS A 186 1.98 -11.20 36.10
C LYS A 186 2.77 -11.85 34.98
N ALA A 187 4.09 -11.79 35.10
CA ALA A 187 4.96 -12.19 34.00
C ALA A 187 5.84 -13.39 34.38
N HIS A 188 6.22 -14.17 33.37
CA HIS A 188 7.19 -15.26 33.55
C HIS A 188 7.69 -15.72 32.20
N VAL A 189 8.80 -16.42 32.21
CA VAL A 189 9.47 -16.87 31.01
C VAL A 189 9.34 -18.40 30.85
N THR A 190 8.99 -18.90 29.67
CA THR A 190 9.08 -20.35 29.44
C THR A 190 10.18 -20.65 28.46
N HIS A 191 10.56 -21.92 28.40
CA HIS A 191 11.73 -22.37 27.66
C HIS A 191 11.30 -23.51 26.73
N HIS A 192 11.64 -23.40 25.45
CA HIS A 192 11.20 -24.36 24.44
C HIS A 192 12.30 -24.67 23.40
N SER A 193 12.35 -25.95 23.00
CA SER A 193 13.34 -26.42 22.04
C SER A 193 13.32 -25.65 20.69
N ARG A 194 14.45 -25.63 19.98
CA ARG A 194 14.48 -25.20 18.57
C ARG A 194 15.44 -26.13 17.80
N PRO A 195 15.43 -26.13 16.45
CA PRO A 195 16.40 -26.93 15.70
C PRO A 195 17.71 -26.96 16.51
N GLU A 196 18.03 -28.14 17.00
CA GLU A 196 18.35 -28.28 18.43
C GLU A 196 19.49 -27.51 19.13
N ASP A 197 20.42 -26.87 18.40
CA ASP A 197 21.37 -25.99 19.11
C ASP A 197 20.81 -24.59 19.45
N LYS A 198 19.51 -24.42 19.18
CA LYS A 198 18.80 -23.18 19.46
C LYS A 198 17.65 -23.44 20.42
N VAL A 199 17.30 -22.42 21.21
CA VAL A 199 16.17 -22.49 22.10
C VAL A 199 15.33 -21.21 22.00
N THR A 200 14.06 -21.32 22.37
CA THR A 200 13.10 -20.24 22.35
C THR A 200 12.78 -19.85 23.79
N LEU A 201 12.93 -18.57 24.10
CA LEU A 201 12.54 -18.04 25.39
C LEU A 201 11.32 -17.22 25.10
N ARG A 202 10.25 -17.51 25.82
CA ARG A 202 8.98 -16.83 25.63
C ARG A 202 8.62 -16.11 26.91
N CYS A 203 8.39 -14.81 26.80
CA CYS A 203 8.05 -13.99 27.95
C CYS A 203 6.57 -13.73 27.97
N TRP A 204 5.93 -14.12 29.07
CA TRP A 204 4.48 -14.06 29.18
C TRP A 204 4.00 -12.92 30.07
N ALA A 205 2.97 -12.20 29.64
CA ALA A 205 2.34 -11.18 30.47
C ALA A 205 0.87 -11.55 30.54
N LEU A 206 0.41 -11.82 31.75
CA LEU A 206 -0.89 -12.43 31.93
C LEU A 206 -1.76 -11.64 32.91
N GLY A 207 -3.07 -11.73 32.70
CA GLY A 207 -4.06 -11.14 33.59
C GLY A 207 -3.93 -9.64 33.74
N PHE A 208 -3.73 -8.91 32.64
CA PHE A 208 -3.48 -7.49 32.80
C PHE A 208 -4.61 -6.61 32.25
N TYR A 209 -4.79 -5.44 32.87
CA TYR A 209 -5.75 -4.44 32.35
C TYR A 209 -5.26 -3.01 32.62
N PRO A 210 -5.31 -2.13 31.62
CA PRO A 210 -5.98 -2.37 30.34
C PRO A 210 -5.04 -2.95 29.30
N ALA A 211 -5.48 -3.00 28.04
CA ALA A 211 -4.79 -3.77 26.99
C ALA A 211 -3.37 -3.28 26.69
N ASP A 212 -3.19 -1.97 26.75
CA ASP A 212 -1.89 -1.36 26.51
C ASP A 212 -0.79 -2.00 27.37
N ILE A 213 0.22 -2.51 26.68
CA ILE A 213 1.38 -3.13 27.32
C ILE A 213 2.49 -3.17 26.28
N THR A 214 3.71 -3.36 26.76
CA THR A 214 4.88 -3.50 25.90
C THR A 214 5.83 -4.51 26.51
N LEU A 215 6.20 -5.52 25.73
CA LEU A 215 7.25 -6.45 26.11
C LEU A 215 8.46 -6.35 25.19
N THR A 216 9.66 -6.38 25.75
CA THR A 216 10.85 -6.37 24.92
C THR A 216 11.81 -7.46 25.41
N TRP A 217 12.63 -7.96 24.51
CA TRP A 217 13.77 -8.77 24.89
C TRP A 217 15.05 -7.98 24.71
N GLN A 218 15.90 -8.00 25.73
CA GLN A 218 17.17 -7.27 25.63
C GLN A 218 18.34 -8.23 25.62
N LEU A 219 19.34 -7.96 24.79
CA LEU A 219 20.65 -8.62 24.92
C LEU A 219 21.69 -7.58 25.22
N ASN A 220 22.43 -7.78 26.30
CA ASN A 220 23.34 -6.74 26.80
C ASN A 220 22.82 -5.32 26.54
N GLY A 221 21.70 -5.00 27.19
CA GLY A 221 21.16 -3.66 27.16
C GLY A 221 20.42 -3.27 25.90
N GLU A 222 20.59 -4.01 24.82
CA GLU A 222 19.95 -3.65 23.57
C GLU A 222 18.63 -4.37 23.31
N GLU A 223 17.67 -3.66 22.71
CA GLU A 223 16.35 -4.22 22.41
C GLU A 223 16.32 -4.94 21.06
N LEU A 224 16.06 -6.24 21.11
CA LEU A 224 16.04 -7.07 19.92
C LEU A 224 14.65 -7.07 19.30
N ILE A 225 14.37 -6.12 18.43
CA ILE A 225 13.07 -6.10 17.76
C ILE A 225 13.11 -6.99 16.52
N GLN A 226 14.20 -6.91 15.77
CA GLN A 226 14.44 -7.89 14.73
C GLN A 226 14.69 -9.24 15.41
N ASP A 227 13.87 -10.22 15.08
CA ASP A 227 14.02 -11.59 15.57
C ASP A 227 13.11 -11.94 16.76
N MET A 228 12.61 -10.92 17.44
CA MET A 228 11.53 -11.12 18.39
C MET A 228 10.27 -11.58 17.65
N GLU A 229 9.57 -12.55 18.23
CA GLU A 229 8.23 -12.86 17.74
C GLU A 229 7.27 -12.30 18.78
N LEU A 230 6.21 -11.64 18.31
CA LEU A 230 5.21 -10.99 19.17
C LEU A 230 3.85 -11.53 18.78
N VAL A 231 2.95 -11.74 19.72
CA VAL A 231 1.57 -11.89 19.32
C VAL A 231 0.83 -10.59 19.64
N GLU A 232 -0.26 -10.38 18.91
CA GLU A 232 -1.17 -9.32 19.22
C GLU A 232 -1.81 -9.63 20.58
N THR A 233 -1.99 -8.57 21.38
CA THR A 233 -2.65 -8.64 22.66
C THR A 233 -4.05 -9.20 22.50
N ARG A 234 -4.48 -10.01 23.47
CA ARG A 234 -5.69 -10.81 23.31
C ARG A 234 -6.38 -10.89 24.64
N PRO A 235 -7.71 -10.96 24.61
CA PRO A 235 -8.53 -11.08 25.82
C PRO A 235 -8.56 -12.51 26.35
N ALA A 236 -8.46 -12.64 27.67
CA ALA A 236 -8.55 -13.95 28.30
C ALA A 236 -10.00 -14.40 28.29
N GLY A 237 -10.89 -13.46 28.06
CA GLY A 237 -12.33 -13.70 28.08
C GLY A 237 -12.96 -13.31 29.42
N ASP A 238 -12.13 -12.96 30.41
CA ASP A 238 -12.62 -12.60 31.74
C ASP A 238 -12.42 -11.11 32.11
N GLY A 239 -12.17 -10.26 31.12
CA GLY A 239 -11.93 -8.87 31.38
C GLY A 239 -10.45 -8.51 31.30
N THR A 240 -9.55 -9.48 31.47
CA THR A 240 -8.12 -9.19 31.31
C THR A 240 -7.53 -9.67 29.98
N PHE A 241 -6.28 -9.26 29.74
CA PHE A 241 -5.60 -9.51 28.49
C PHE A 241 -4.28 -10.27 28.68
N GLN A 242 -3.77 -10.85 27.59
CA GLN A 242 -2.53 -11.62 27.57
C GLN A 242 -1.65 -11.15 26.43
N LYS A 243 -0.33 -11.28 26.61
CA LYS A 243 0.63 -11.09 25.54
C LYS A 243 1.90 -11.91 25.79
N TRP A 244 2.61 -12.25 24.70
CA TRP A 244 3.95 -12.80 24.82
C TRP A 244 4.88 -12.32 23.71
N ALA A 245 6.16 -12.42 23.99
CA ALA A 245 7.20 -12.08 23.07
C ALA A 245 8.20 -13.19 23.26
N SER A 246 8.76 -13.65 22.16
CA SER A 246 9.77 -14.68 22.22
C SER A 246 10.99 -14.32 21.40
N VAL A 247 12.07 -15.05 21.69
CA VAL A 247 13.35 -14.77 21.13
C VAL A 247 14.04 -16.13 20.99
N VAL A 248 14.71 -16.35 19.85
CA VAL A 248 15.46 -17.58 19.65
C VAL A 248 16.92 -17.33 20.00
N VAL A 249 17.46 -18.11 20.93
CA VAL A 249 18.82 -17.86 21.37
C VAL A 249 19.63 -19.14 21.33
N PRO A 250 20.96 -19.02 21.36
CA PRO A 250 21.84 -20.20 21.33
C PRO A 250 21.66 -21.01 22.61
N LEU A 251 21.71 -22.32 22.48
CA LEU A 251 21.60 -23.21 23.61
C LEU A 251 22.70 -22.89 24.63
N GLY A 252 22.33 -22.55 25.85
CA GLY A 252 23.34 -22.28 26.84
C GLY A 252 23.62 -20.80 27.11
N LYS A 253 22.98 -19.90 26.38
CA LYS A 253 23.13 -18.46 26.60
C LYS A 253 21.85 -17.84 27.13
N GLU A 254 20.98 -18.64 27.74
CA GLU A 254 19.67 -18.18 28.17
C GLU A 254 19.78 -17.01 29.15
N GLN A 255 20.85 -17.02 29.95
CA GLN A 255 21.00 -16.03 31.01
C GLN A 255 21.62 -14.74 30.52
N TYR A 256 21.80 -14.65 29.22
CA TYR A 256 22.37 -13.47 28.59
C TYR A 256 21.25 -12.58 28.14
N TYR A 257 20.01 -13.04 28.28
CA TYR A 257 18.86 -12.31 27.73
C TYR A 257 17.88 -11.90 28.82
N THR A 258 17.36 -10.68 28.74
CA THR A 258 16.33 -10.30 29.69
C THR A 258 15.05 -9.77 29.05
N CYS A 259 13.94 -10.09 29.68
CA CYS A 259 12.65 -9.62 29.21
C CYS A 259 12.15 -8.42 30.04
N HIS A 260 11.52 -7.47 29.39
CA HIS A 260 11.06 -6.25 30.04
C HIS A 260 9.57 -6.04 29.81
N VAL A 261 8.82 -5.87 30.89
CA VAL A 261 7.38 -5.65 30.79
C VAL A 261 7.00 -4.26 31.34
N TYR A 262 6.38 -3.45 30.47
CA TYR A 262 5.97 -2.08 30.78
C TYR A 262 4.45 -1.95 30.76
N HIS A 263 3.88 -1.40 31.84
CA HIS A 263 2.44 -1.32 31.96
C HIS A 263 2.04 -0.32 33.04
N GLN A 264 1.06 0.53 32.73
CA GLN A 264 0.62 1.59 33.66
C GLN A 264 0.26 1.11 35.09
N GLY A 265 0.03 -0.20 35.25
CA GLY A 265 -0.20 -0.73 36.58
C GLY A 265 1.06 -1.10 37.34
N LEU A 266 2.22 -0.98 36.69
CA LEU A 266 3.48 -1.36 37.33
C LEU A 266 4.20 -0.12 37.85
N PRO A 267 4.44 -0.12 39.16
CA PRO A 267 5.21 0.95 39.80
C PRO A 267 6.51 1.11 38.99
N GLU A 268 7.22 -0.01 38.84
CA GLU A 268 8.42 -0.10 38.01
C GLU A 268 8.26 -1.26 37.03
N PRO A 269 8.67 -1.06 35.77
CA PRO A 269 8.68 -2.15 34.79
C PRO A 269 9.33 -3.42 35.34
N LEU A 270 8.82 -4.57 34.90
CA LEU A 270 9.33 -5.86 35.34
C LEU A 270 10.54 -6.24 34.52
N THR A 271 11.52 -6.84 35.18
CA THR A 271 12.72 -7.38 34.55
C THR A 271 12.74 -8.86 34.89
N LEU A 272 12.98 -9.74 33.92
CA LEU A 272 12.94 -11.16 34.22
C LEU A 272 13.84 -11.93 33.32
N ARG A 273 14.28 -13.07 33.82
CA ARG A 273 15.13 -13.97 33.07
C ARG A 273 14.55 -15.38 33.13
N TRP A 274 14.96 -16.22 32.19
CA TRP A 274 14.70 -17.65 32.29
C TRP A 274 15.26 -18.18 33.60
N GLU A 275 14.43 -18.85 34.39
CA GLU A 275 14.90 -19.51 35.60
C GLU A 275 14.74 -21.03 35.52
N PRO A 276 15.85 -21.76 35.45
CA PRO A 276 15.83 -23.21 35.63
C PRO A 276 15.30 -23.54 37.02
N PRO A 277 14.18 -24.27 37.12
CA PRO A 277 13.52 -24.53 38.40
C PRO A 277 14.50 -24.96 39.47
N PRO A 278 14.68 -24.13 40.50
CA PRO A 278 15.52 -24.48 41.66
C PRO A 278 15.07 -25.77 42.35
N GLY B 1 17.64 21.94 -5.03
CA GLY B 1 18.01 21.75 -6.46
C GLY B 1 16.86 22.06 -7.39
N PRO B 2 17.07 21.85 -8.70
CA PRO B 2 16.03 22.08 -9.69
C PRO B 2 14.97 20.95 -9.61
N HIS B 3 13.84 21.13 -10.29
CA HIS B 3 12.73 20.20 -10.19
C HIS B 3 11.95 20.22 -11.48
N SER B 4 11.24 19.13 -11.73
CA SER B 4 10.48 19.08 -12.98
C SER B 4 9.12 18.41 -12.87
N LEU B 5 8.17 18.91 -13.64
CA LEU B 5 6.88 18.26 -13.86
C LEU B 5 6.69 18.07 -15.37
N ARG B 6 6.51 16.82 -15.78
CA ARG B 6 6.37 16.50 -17.19
C ARG B 6 5.24 15.51 -17.42
N TYR B 7 4.50 15.68 -18.50
CA TYR B 7 3.51 14.72 -18.90
C TYR B 7 3.96 14.08 -20.20
N PHE B 8 3.90 12.74 -20.22
CA PHE B 8 4.26 11.94 -21.37
C PHE B 8 2.97 11.31 -21.89
N VAL B 9 2.64 11.65 -23.13
CA VAL B 9 1.34 11.31 -23.69
C VAL B 9 1.60 10.45 -24.91
N THR B 10 0.83 9.36 -25.02
CA THR B 10 0.92 8.33 -26.07
C THR B 10 -0.46 8.07 -26.67
N ALA B 11 -0.58 8.16 -28.00
CA ALA B 11 -1.76 7.73 -28.73
C ALA B 11 -1.33 6.83 -29.89
N VAL B 12 -1.90 5.63 -29.93
CA VAL B 12 -1.52 4.60 -30.89
C VAL B 12 -2.71 4.03 -31.62
N SER B 13 -2.78 4.24 -32.94
CA SER B 13 -3.91 3.72 -33.70
C SER B 13 -3.67 2.26 -33.95
N ARG B 14 -4.77 1.54 -34.17
CA ARG B 14 -4.68 0.11 -34.43
C ARG B 14 -5.91 -0.33 -35.22
N PRO B 15 -6.03 0.10 -36.48
CA PRO B 15 -7.17 -0.32 -37.29
C PRO B 15 -7.20 -1.84 -37.34
N GLY B 16 -8.36 -2.45 -37.15
CA GLY B 16 -8.46 -3.89 -37.06
C GLY B 16 -8.44 -4.38 -35.62
N LEU B 17 -8.23 -3.47 -34.68
CA LEU B 17 -8.20 -3.88 -33.28
C LEU B 17 -9.06 -2.96 -32.39
N GLY B 18 -9.78 -2.04 -33.00
CA GLY B 18 -10.58 -1.10 -32.24
C GLY B 18 -9.91 0.24 -32.05
N GLU B 19 -10.49 1.06 -31.17
CA GLU B 19 -10.13 2.47 -30.96
C GLU B 19 -8.66 2.70 -30.58
N PRO B 20 -8.17 3.89 -30.86
CA PRO B 20 -6.79 4.24 -30.49
C PRO B 20 -6.53 3.99 -29.00
N ARG B 21 -5.36 3.45 -28.71
CA ARG B 21 -4.92 3.29 -27.35
C ARG B 21 -4.39 4.65 -26.92
N TYR B 22 -4.79 5.12 -25.75
CA TYR B 22 -4.38 6.47 -25.29
C TYR B 22 -3.86 6.38 -23.88
N MET B 23 -2.71 7.01 -23.64
CA MET B 23 -2.12 7.02 -22.30
C MET B 23 -1.54 8.38 -21.91
N GLU B 24 -1.76 8.78 -20.65
CA GLU B 24 -1.00 9.88 -20.05
C GLU B 24 -0.19 9.39 -18.86
N VAL B 25 1.05 9.84 -18.75
CA VAL B 25 1.85 9.53 -17.58
C VAL B 25 2.51 10.84 -17.12
N GLY B 26 2.33 11.12 -15.83
CA GLY B 26 2.94 12.29 -15.22
C GLY B 26 4.15 11.90 -14.39
N TYR B 27 5.17 12.75 -14.41
CA TYR B 27 6.42 12.55 -13.67
C TYR B 27 6.80 13.80 -12.87
N VAL B 28 7.03 13.61 -11.58
CA VAL B 28 7.68 14.63 -10.79
C VAL B 28 9.15 14.24 -10.62
N ASP B 29 10.06 15.08 -11.13
CA ASP B 29 11.50 14.77 -11.09
C ASP B 29 11.80 13.33 -11.52
N ASP B 30 11.30 12.93 -12.69
CA ASP B 30 11.57 11.58 -13.23
C ASP B 30 10.93 10.41 -12.45
N THR B 31 10.02 10.72 -11.54
CA THR B 31 9.29 9.73 -10.76
C THR B 31 7.80 9.71 -11.19
N GLU B 32 7.32 8.57 -11.69
CA GLU B 32 5.93 8.47 -12.14
C GLU B 32 4.98 8.67 -10.95
N PHE B 33 3.99 9.57 -11.07
CA PHE B 33 3.06 9.76 -9.94
C PHE B 33 1.56 9.61 -10.26
N VAL B 34 1.21 9.67 -11.55
CA VAL B 34 -0.18 9.51 -11.99
C VAL B 34 -0.18 8.91 -13.39
N ARG B 35 -1.28 8.21 -13.69
CA ARG B 35 -1.40 7.59 -15.00
C ARG B 35 -2.88 7.40 -15.38
N PHE B 36 -3.15 7.63 -16.66
CA PHE B 36 -4.41 7.32 -17.33
C PHE B 36 -4.08 6.38 -18.48
N ASP B 37 -4.87 5.33 -18.61
CA ASP B 37 -4.70 4.33 -19.67
C ASP B 37 -6.10 3.97 -20.19
N SER B 38 -6.33 4.22 -21.48
CA SER B 38 -7.65 4.12 -22.09
C SER B 38 -8.06 2.68 -22.26
N ASP B 39 -7.10 1.76 -22.07
CA ASP B 39 -7.35 0.32 -22.20
C ASP B 39 -7.67 -0.41 -20.89
N ALA B 40 -7.52 0.25 -19.76
CA ALA B 40 -7.87 -0.37 -18.49
C ALA B 40 -9.39 -0.59 -18.38
N GLU B 41 -9.81 -1.48 -17.46
CA GLU B 41 -11.22 -1.54 -17.03
C GLU B 41 -11.54 -0.25 -16.25
N ASN B 42 -12.54 0.49 -16.72
CA ASN B 42 -12.87 1.77 -16.10
C ASN B 42 -11.71 2.76 -16.09
N PRO B 43 -11.37 3.31 -17.25
CA PRO B 43 -10.22 4.21 -17.38
C PRO B 43 -10.42 5.54 -16.69
N ARG B 44 -9.48 5.86 -15.80
CA ARG B 44 -9.43 7.17 -15.21
C ARG B 44 -8.06 7.43 -14.64
N TYR B 45 -7.80 8.68 -14.26
CA TYR B 45 -6.54 9.04 -13.63
C TYR B 45 -6.34 8.24 -12.36
N GLU B 46 -5.12 7.78 -12.14
CA GLU B 46 -4.82 6.97 -10.98
C GLU B 46 -3.53 7.46 -10.36
N PRO B 47 -3.48 7.44 -9.03
CA PRO B 47 -2.25 7.76 -8.30
C PRO B 47 -1.25 6.63 -8.52
N ARG B 48 0.03 6.96 -8.59
CA ARG B 48 1.02 5.94 -8.85
C ARG B 48 2.08 5.99 -7.78
N ALA B 49 1.93 6.94 -6.86
CA ALA B 49 2.73 7.03 -5.64
C ALA B 49 1.80 7.29 -4.47
N ARG B 50 2.11 6.69 -3.32
CA ARG B 50 1.21 6.69 -2.18
C ARG B 50 0.87 8.10 -1.72
N TRP B 51 1.78 9.04 -1.95
CA TRP B 51 1.59 10.43 -1.56
C TRP B 51 0.63 11.21 -2.44
N MET B 52 0.07 10.58 -3.46
CA MET B 52 -0.93 11.25 -4.26
C MET B 52 -2.32 10.98 -3.71
N GLU B 53 -2.46 9.94 -2.89
CA GLU B 53 -3.77 9.66 -2.31
C GLU B 53 -4.34 10.83 -1.50
N GLN B 54 -3.49 11.74 -1.08
CA GLN B 54 -3.95 12.99 -0.48
C GLN B 54 -4.98 13.77 -1.30
N GLU B 55 -4.83 13.84 -2.61
CA GLU B 55 -5.78 14.60 -3.42
C GLU B 55 -7.12 13.91 -3.39
N GLY B 56 -8.17 14.68 -3.16
CA GLY B 56 -9.50 14.13 -3.05
C GLY B 56 -10.18 13.92 -4.39
N PRO B 57 -11.43 13.44 -4.35
CA PRO B 57 -12.16 13.07 -5.56
C PRO B 57 -12.31 14.18 -6.60
N GLU B 58 -12.35 15.44 -6.18
CA GLU B 58 -12.40 16.53 -7.15
C GLU B 58 -11.20 16.52 -8.12
N TYR B 59 -10.00 16.28 -7.58
CA TYR B 59 -8.81 16.19 -8.38
C TYR B 59 -8.93 15.01 -9.38
N TRP B 60 -9.26 13.83 -8.88
CA TRP B 60 -9.33 12.66 -9.77
C TRP B 60 -10.34 12.80 -10.91
N GLU B 61 -11.49 13.40 -10.58
CA GLU B 61 -12.55 13.67 -11.52
C GLU B 61 -12.10 14.64 -12.58
N ARG B 62 -11.54 15.78 -12.16
CA ARG B 62 -11.21 16.81 -13.13
C ARG B 62 -10.10 16.39 -14.11
N GLU B 63 -9.14 15.60 -13.64
CA GLU B 63 -8.02 15.20 -14.48
C GLU B 63 -8.41 14.06 -15.41
N THR B 64 -9.25 13.15 -14.92
CA THR B 64 -9.91 12.15 -15.77
C THR B 64 -10.70 12.79 -16.91
N GLN B 65 -11.46 13.84 -16.59
CA GLN B 65 -12.25 14.51 -17.60
C GLN B 65 -11.34 15.11 -18.68
N LYS B 66 -10.25 15.71 -18.24
CA LYS B 66 -9.30 16.33 -19.15
C LYS B 66 -8.53 15.27 -19.97
N ALA B 67 -8.19 14.13 -19.35
CA ALA B 67 -7.62 13.01 -20.12
C ALA B 67 -8.54 12.61 -21.26
N LYS B 68 -9.82 12.45 -20.95
CA LYS B 68 -10.80 12.01 -21.95
C LYS B 68 -10.95 13.03 -23.07
N GLY B 69 -10.83 14.32 -22.74
CA GLY B 69 -10.77 15.38 -23.74
C GLY B 69 -9.48 15.37 -24.58
N ASN B 70 -8.35 15.25 -23.92
CA ASN B 70 -7.08 15.06 -24.62
C ASN B 70 -7.09 13.90 -25.62
N GLU B 71 -7.62 12.75 -25.19
CA GLU B 71 -7.79 11.59 -26.04
C GLU B 71 -8.50 11.89 -27.39
N GLN B 72 -9.56 12.69 -27.33
CA GLN B 72 -10.32 13.06 -28.53
C GLN B 72 -9.48 13.98 -29.43
N SER B 73 -8.90 15.00 -28.83
CA SER B 73 -7.91 15.84 -29.49
C SER B 73 -6.85 14.98 -30.19
N PHE B 74 -6.38 13.92 -29.52
CA PHE B 74 -5.31 13.10 -30.10
C PHE B 74 -5.79 12.06 -31.12
N ARG B 75 -7.01 11.56 -30.93
CA ARG B 75 -7.62 10.73 -31.95
C ARG B 75 -7.74 11.51 -33.24
N VAL B 76 -8.31 12.72 -33.16
CA VAL B 76 -8.45 13.58 -34.32
C VAL B 76 -7.06 13.87 -34.90
N ASP B 77 -6.07 14.14 -34.04
CA ASP B 77 -4.69 14.30 -34.48
C ASP B 77 -4.13 13.15 -35.34
N LEU B 78 -4.52 11.91 -35.03
CA LEU B 78 -4.02 10.75 -35.76
C LEU B 78 -4.55 10.75 -37.19
N ARG B 79 -5.87 10.89 -37.32
CA ARG B 79 -6.55 11.07 -38.60
C ARG B 79 -5.94 12.20 -39.42
N THR B 80 -5.77 13.36 -38.80
CA THR B 80 -5.22 14.50 -39.49
C THR B 80 -3.81 14.19 -40.01
N LEU B 81 -3.00 13.53 -39.20
CA LEU B 81 -1.66 13.22 -39.64
C LEU B 81 -1.64 12.14 -40.72
N LEU B 82 -2.67 11.30 -40.75
CA LEU B 82 -2.77 10.29 -41.78
C LEU B 82 -2.78 10.96 -43.16
N GLY B 83 -3.53 12.07 -43.26
CA GLY B 83 -3.67 12.82 -44.50
C GLY B 83 -2.51 13.74 -44.77
N TYR B 84 -2.07 14.51 -43.79
CA TYR B 84 -0.89 15.35 -43.93
C TYR B 84 0.28 14.62 -44.60
N TYR B 85 0.42 13.32 -44.33
CA TYR B 85 1.45 12.52 -44.96
C TYR B 85 0.82 11.52 -45.93
N ASN B 86 -0.43 11.76 -46.31
CA ASN B 86 -1.16 10.86 -47.20
C ASN B 86 -0.72 9.42 -47.01
N GLN B 87 -1.22 8.81 -45.94
CA GLN B 87 -0.92 7.41 -45.65
C GLN B 87 -2.21 6.61 -45.73
N SER B 88 -2.08 5.27 -45.69
CA SER B 88 -3.23 4.39 -45.79
C SER B 88 -4.07 4.38 -44.54
N LYS B 89 -5.32 3.94 -44.68
CA LYS B 89 -6.30 3.92 -43.58
C LYS B 89 -6.10 2.76 -42.62
N GLY B 90 -5.31 1.77 -43.03
CA GLY B 90 -5.22 0.52 -42.28
C GLY B 90 -3.90 0.34 -41.54
N GLY B 91 -3.09 1.39 -41.50
CA GLY B 91 -1.81 1.31 -40.84
C GLY B 91 -1.86 1.80 -39.41
N SER B 92 -0.96 1.28 -38.58
CA SER B 92 -0.88 1.70 -37.18
C SER B 92 0.12 2.84 -37.01
N HIS B 93 -0.24 3.85 -36.22
CA HIS B 93 0.61 5.04 -36.07
C HIS B 93 0.61 5.56 -34.67
N THR B 94 1.69 6.23 -34.31
CA THR B 94 1.90 6.72 -32.96
C THR B 94 2.13 8.22 -32.91
N ILE B 95 1.47 8.87 -31.96
CA ILE B 95 1.80 10.24 -31.61
C ILE B 95 2.33 10.22 -30.19
N GLN B 96 3.42 10.94 -29.95
CA GLN B 96 3.91 11.17 -28.58
C GLN B 96 4.10 12.65 -28.27
N VAL B 97 3.78 13.03 -27.04
CA VAL B 97 4.11 14.36 -26.59
C VAL B 97 4.85 14.27 -25.30
N ILE B 98 5.82 15.16 -25.14
CA ILE B 98 6.42 15.39 -23.86
C ILE B 98 6.15 16.86 -23.56
N SER B 99 5.61 17.10 -22.37
CA SER B 99 5.11 18.41 -22.03
C SER B 99 5.32 18.68 -20.55
N GLY B 100 5.81 19.89 -20.26
CA GLY B 100 6.00 20.30 -18.87
C GLY B 100 7.04 21.37 -18.62
N CYS B 101 7.48 21.42 -17.36
CA CYS B 101 8.27 22.54 -16.92
C CYS B 101 9.39 22.05 -16.02
N GLU B 102 10.56 22.67 -16.14
CA GLU B 102 11.63 22.48 -15.17
C GLU B 102 11.84 23.78 -14.39
N VAL B 103 11.91 23.70 -13.06
CA VAL B 103 12.00 24.91 -12.26
C VAL B 103 13.19 24.91 -11.33
N GLY B 104 13.75 26.11 -11.16
CA GLY B 104 14.93 26.29 -10.32
C GLY B 104 14.57 26.18 -8.85
N SER B 105 15.59 26.09 -8.02
CA SER B 105 15.38 26.00 -6.56
C SER B 105 14.70 27.25 -6.02
N ASP B 106 14.73 28.32 -6.81
CA ASP B 106 14.08 29.55 -6.39
C ASP B 106 12.59 29.55 -6.70
N GLY B 107 12.14 28.51 -7.39
CA GLY B 107 10.74 28.40 -7.75
C GLY B 107 10.41 29.04 -9.09
N ARG B 108 11.43 29.53 -9.76
CA ARG B 108 11.26 30.19 -11.06
C ARG B 108 11.44 29.21 -12.22
N LEU B 109 10.63 29.35 -13.27
CA LEU B 109 10.75 28.51 -14.46
C LEU B 109 12.16 28.57 -15.07
N LEU B 110 12.88 27.46 -15.05
CA LEU B 110 14.18 27.38 -15.75
C LEU B 110 14.04 27.00 -17.23
N ARG B 111 12.87 26.47 -17.62
CA ARG B 111 12.54 26.25 -19.03
C ARG B 111 11.27 25.40 -19.20
N GLY B 112 10.36 25.85 -20.06
CA GLY B 112 9.15 25.12 -20.39
C GLY B 112 9.28 24.51 -21.77
N TYR B 113 8.65 23.37 -22.00
CA TYR B 113 8.77 22.70 -23.29
C TYR B 113 7.59 21.81 -23.60
N GLN B 114 7.37 21.57 -24.88
CA GLN B 114 6.33 20.66 -25.33
C GLN B 114 6.74 20.11 -26.69
N GLN B 115 7.09 18.83 -26.71
CA GLN B 115 7.59 18.14 -27.88
C GLN B 115 6.56 17.12 -28.36
N TYR B 116 6.25 17.15 -29.67
CA TYR B 116 5.42 16.14 -30.34
C TYR B 116 6.26 15.30 -31.27
N ALA B 117 5.85 14.05 -31.49
CA ALA B 117 6.49 13.18 -32.48
C ALA B 117 5.41 12.36 -33.17
N TYR B 118 5.69 12.02 -34.42
CA TYR B 118 4.83 11.14 -35.18
C TYR B 118 5.71 9.96 -35.58
N ASP B 119 5.17 8.76 -35.41
CA ASP B 119 5.87 7.52 -35.69
C ASP B 119 7.33 7.54 -35.23
N GLY B 120 7.56 8.11 -34.06
CA GLY B 120 8.89 8.14 -33.47
C GLY B 120 9.81 9.26 -33.97
N CYS B 121 9.31 10.09 -34.88
CA CYS B 121 10.12 11.20 -35.37
C CYS B 121 9.58 12.55 -34.98
N ASP B 122 10.51 13.44 -34.64
CA ASP B 122 10.14 14.80 -34.26
C ASP B 122 9.17 15.41 -35.25
N TYR B 123 8.15 16.07 -34.73
CA TYR B 123 7.12 16.69 -35.55
C TYR B 123 7.08 18.21 -35.32
N ILE B 124 7.07 18.60 -34.05
CA ILE B 124 7.15 20.02 -33.68
C ILE B 124 7.57 20.11 -32.21
N ALA B 125 8.18 21.23 -31.82
CA ALA B 125 8.57 21.45 -30.44
C ALA B 125 8.45 22.94 -30.20
N LEU B 126 8.21 23.35 -28.95
CA LEU B 126 8.11 24.77 -28.62
C LEU B 126 9.45 25.32 -28.12
N ASN B 127 9.74 26.56 -28.49
CA ASN B 127 11.04 27.16 -28.24
C ASN B 127 11.26 27.66 -26.82
N GLU B 128 12.53 27.64 -26.40
CA GLU B 128 12.90 27.98 -25.04
C GLU B 128 12.50 29.41 -24.65
N ASP B 129 11.55 29.96 -25.41
CA ASP B 129 11.05 31.31 -25.24
C ASP B 129 9.54 31.27 -25.23
N LEU B 130 9.00 30.06 -25.15
CA LEU B 130 7.55 29.83 -25.03
C LEU B 130 6.70 30.59 -26.04
N LYS B 131 7.34 31.16 -27.06
CA LYS B 131 6.64 31.97 -28.05
C LYS B 131 6.56 31.35 -29.44
N THR B 132 7.63 30.70 -29.88
CA THR B 132 7.70 30.17 -31.25
C THR B 132 7.81 28.65 -31.33
N TRP B 133 7.45 28.10 -32.48
CA TRP B 133 7.52 26.66 -32.72
C TRP B 133 8.60 26.27 -33.76
N THR B 134 9.52 25.41 -33.36
CA THR B 134 10.46 24.81 -34.29
C THR B 134 9.73 23.59 -34.90
N ALA B 135 9.32 23.73 -36.17
CA ALA B 135 8.78 22.59 -36.93
C ALA B 135 9.91 21.74 -37.48
N ALA B 136 9.71 20.44 -37.58
CA ALA B 136 10.80 19.54 -37.97
C ALA B 136 10.74 19.12 -39.44
N ASP B 137 9.56 19.24 -40.04
CA ASP B 137 9.39 18.82 -41.42
C ASP B 137 8.22 19.48 -42.13
N MET B 138 7.71 18.79 -43.14
CA MET B 138 6.67 19.31 -44.01
C MET B 138 5.45 19.85 -43.28
N ALA B 139 4.46 18.99 -43.05
CA ALA B 139 3.16 19.43 -42.56
C ALA B 139 3.19 19.94 -41.12
N ALA B 140 4.36 19.93 -40.49
CA ALA B 140 4.52 20.53 -39.16
C ALA B 140 4.53 22.06 -39.25
N LEU B 141 4.84 22.58 -40.45
CA LEU B 141 4.75 24.00 -40.74
C LEU B 141 3.30 24.48 -40.67
N ILE B 142 2.39 23.66 -41.18
CA ILE B 142 0.97 23.98 -41.13
C ILE B 142 0.58 24.13 -39.68
N THR B 143 0.86 23.08 -38.90
CA THR B 143 0.58 23.10 -37.47
C THR B 143 1.10 24.39 -36.87
N LYS B 144 2.38 24.67 -37.13
CA LYS B 144 3.06 25.83 -36.55
C LYS B 144 2.32 27.11 -36.93
N HIS B 145 1.84 27.20 -38.16
CA HIS B 145 1.01 28.33 -38.53
C HIS B 145 -0.19 28.42 -37.59
N LYS B 146 -0.98 27.35 -37.52
CA LYS B 146 -2.18 27.34 -36.72
C LYS B 146 -1.94 27.75 -35.25
N TRP B 147 -0.85 27.27 -34.67
CA TRP B 147 -0.59 27.58 -33.26
C TRP B 147 0.00 28.98 -33.06
N GLU B 148 0.65 29.47 -34.12
CA GLU B 148 1.16 30.83 -34.14
C GLU B 148 -0.02 31.79 -34.15
N GLN B 149 -0.61 31.97 -35.33
CA GLN B 149 -1.70 32.92 -35.53
C GLN B 149 -2.88 32.62 -34.63
N ALA B 150 -3.50 31.45 -34.80
CA ALA B 150 -4.71 31.11 -34.05
C ALA B 150 -4.51 31.18 -32.52
N GLY B 151 -3.29 31.52 -32.12
CA GLY B 151 -3.00 31.88 -30.73
C GLY B 151 -3.11 30.78 -29.70
N GLU B 152 -2.18 29.83 -29.75
CA GLU B 152 -2.12 28.78 -28.75
C GLU B 152 -0.83 28.97 -27.95
N ALA B 153 -0.01 29.92 -28.40
CA ALA B 153 1.24 30.24 -27.73
C ALA B 153 0.97 30.82 -26.34
N GLU B 154 -0.11 31.57 -26.21
CA GLU B 154 -0.46 32.23 -24.94
C GLU B 154 -1.07 31.26 -23.93
N ARG B 155 -2.02 30.44 -24.37
CA ARG B 155 -2.66 29.44 -23.50
C ARG B 155 -1.66 28.45 -22.93
N LEU B 156 -0.63 28.14 -23.71
CA LEU B 156 0.37 27.14 -23.32
C LEU B 156 1.48 27.75 -22.49
N ARG B 157 1.76 29.03 -22.71
CA ARG B 157 2.79 29.74 -21.96
C ARG B 157 2.35 29.91 -20.50
N ALA B 158 1.07 30.22 -20.32
CA ALA B 158 0.53 30.48 -18.99
C ALA B 158 0.35 29.19 -18.22
N TYR B 159 -0.05 28.12 -18.93
CA TYR B 159 -0.01 26.79 -18.34
C TYR B 159 1.40 26.55 -17.87
N LEU B 160 2.37 26.76 -18.75
CA LEU B 160 3.75 26.42 -18.44
C LEU B 160 4.39 27.28 -17.37
N GLU B 161 4.12 28.58 -17.40
CA GLU B 161 4.68 29.48 -16.39
C GLU B 161 3.78 29.57 -15.16
N GLY B 162 2.47 29.53 -15.37
CA GLY B 162 1.52 29.57 -14.26
C GLY B 162 1.16 28.20 -13.73
N THR B 163 0.05 27.66 -14.20
CA THR B 163 -0.50 26.35 -13.79
C THR B 163 0.51 25.23 -13.54
N CYS B 164 1.41 25.02 -14.48
CA CYS B 164 2.40 23.95 -14.34
C CYS B 164 3.33 24.13 -13.12
N VAL B 165 3.92 25.34 -13.01
CA VAL B 165 4.83 25.69 -11.93
C VAL B 165 4.13 25.59 -10.57
N GLU B 166 2.92 26.15 -10.49
CA GLU B 166 2.10 26.09 -9.27
C GLU B 166 1.84 24.66 -8.77
N TRP B 167 1.46 23.76 -9.68
CA TRP B 167 1.17 22.39 -9.26
C TRP B 167 2.43 21.62 -8.96
N LEU B 168 3.52 21.94 -9.64
CA LEU B 168 4.79 21.28 -9.31
C LEU B 168 5.16 21.49 -7.83
N ARG B 169 5.02 22.73 -7.35
CA ARG B 169 5.30 23.07 -5.96
C ARG B 169 4.46 22.22 -5.01
N ARG B 170 3.16 22.14 -5.32
CA ARG B 170 2.26 21.36 -4.48
C ARG B 170 2.64 19.87 -4.38
N TYR B 171 2.93 19.24 -5.53
CA TYR B 171 3.30 17.81 -5.54
C TYR B 171 4.58 17.54 -4.73
N LEU B 172 5.58 18.41 -4.88
CA LEU B 172 6.78 18.33 -4.03
C LEU B 172 6.41 18.34 -2.53
N LYS B 173 5.54 19.27 -2.16
CA LYS B 173 5.11 19.38 -0.77
C LYS B 173 4.62 18.02 -0.28
N ASN B 174 3.56 17.50 -0.89
CA ASN B 174 3.03 16.19 -0.55
C ASN B 174 4.06 15.11 -0.78
N GLY B 175 4.91 15.28 -1.77
CA GLY B 175 5.88 14.26 -2.14
C GLY B 175 7.09 14.30 -1.23
N ASN B 176 7.96 15.28 -1.46
CA ASN B 176 9.13 15.51 -0.61
C ASN B 176 9.63 14.29 0.14
N ALA B 177 9.02 14.01 1.30
CA ALA B 177 9.37 12.86 2.14
C ALA B 177 9.87 11.63 1.36
N THR B 178 9.08 11.18 0.39
CA THR B 178 9.41 10.00 -0.41
C THR B 178 10.32 10.36 -1.59
N LEU B 179 10.05 11.50 -2.22
CA LEU B 179 10.78 11.89 -3.41
C LEU B 179 12.29 11.91 -3.16
N LEU B 180 12.68 12.36 -1.97
CA LEU B 180 14.09 12.62 -1.67
C LEU B 180 14.82 11.37 -1.17
N ARG B 181 14.09 10.28 -1.02
CA ARG B 181 14.70 9.00 -0.62
C ARG B 181 15.89 8.65 -1.52
N THR B 182 16.85 7.93 -0.95
CA THR B 182 18.05 7.61 -1.67
C THR B 182 18.57 6.31 -1.12
N ASP B 183 18.70 5.30 -1.98
CA ASP B 183 19.34 4.03 -1.58
C ASP B 183 20.69 3.93 -2.25
N SER B 184 21.72 3.77 -1.43
CA SER B 184 23.06 3.70 -1.94
C SER B 184 23.34 2.29 -2.42
N PRO B 185 24.13 2.17 -3.46
CA PRO B 185 24.41 0.85 -4.04
C PRO B 185 25.22 -0.04 -3.09
N LYS B 186 24.91 -1.34 -3.08
CA LYS B 186 25.81 -2.33 -2.51
C LYS B 186 26.61 -2.90 -3.67
N ALA B 187 27.91 -3.07 -3.47
CA ALA B 187 28.75 -3.41 -4.60
C ALA B 187 29.67 -4.57 -4.24
N HIS B 188 30.11 -5.29 -5.26
CA HIS B 188 31.06 -6.40 -5.09
C HIS B 188 31.57 -6.79 -6.44
N VAL B 189 32.66 -7.54 -6.46
CA VAL B 189 33.31 -7.89 -7.70
C VAL B 189 33.19 -9.39 -7.86
N THR B 190 32.83 -9.88 -9.04
CA THR B 190 32.95 -11.32 -9.32
C THR B 190 34.02 -11.58 -10.34
N HIS B 191 34.37 -12.86 -10.50
CA HIS B 191 35.56 -13.29 -11.24
C HIS B 191 35.10 -14.38 -12.18
N HIS B 192 35.54 -14.31 -13.43
CA HIS B 192 35.08 -15.27 -14.44
C HIS B 192 36.23 -15.63 -15.37
N SER B 193 36.49 -16.93 -15.51
CA SER B 193 37.70 -17.37 -16.20
C SER B 193 37.46 -17.45 -17.70
N ARG B 194 38.35 -16.81 -18.46
CA ARG B 194 38.14 -16.42 -19.86
C ARG B 194 39.06 -17.20 -20.82
N PRO B 195 38.84 -17.04 -22.14
CA PRO B 195 39.75 -17.59 -23.14
C PRO B 195 41.16 -17.65 -22.61
N GLU B 196 41.59 -18.89 -22.38
CA GLU B 196 42.67 -19.23 -21.45
C GLU B 196 43.93 -18.35 -21.46
N ASP B 197 44.26 -17.82 -20.28
CA ASP B 197 45.28 -16.77 -20.15
C ASP B 197 44.69 -15.50 -19.50
N LYS B 198 43.39 -15.30 -19.70
CA LYS B 198 42.72 -14.08 -19.27
C LYS B 198 41.60 -14.36 -18.27
N VAL B 199 41.15 -13.31 -17.58
CA VAL B 199 39.99 -13.38 -16.70
C VAL B 199 39.15 -12.07 -16.78
N THR B 200 37.86 -12.19 -16.52
CA THR B 200 36.96 -11.06 -16.54
C THR B 200 36.72 -10.69 -15.08
N LEU B 201 36.82 -9.40 -14.77
CA LEU B 201 36.41 -8.90 -13.46
C LEU B 201 35.15 -8.09 -13.70
N ARG B 202 34.12 -8.35 -12.92
CA ARG B 202 32.84 -7.65 -13.14
C ARG B 202 32.43 -6.97 -11.85
N CYS B 203 32.25 -5.66 -11.93
CA CYS B 203 31.89 -4.89 -10.76
C CYS B 203 30.39 -4.63 -10.77
N TRP B 204 29.72 -5.07 -9.72
CA TRP B 204 28.28 -4.99 -9.61
C TRP B 204 27.87 -3.88 -8.67
N ALA B 205 26.84 -3.13 -9.06
CA ALA B 205 26.19 -2.26 -8.10
C ALA B 205 24.70 -2.63 -8.07
N LEU B 206 24.19 -2.90 -6.87
CA LEU B 206 22.86 -3.42 -6.66
C LEU B 206 22.07 -2.59 -5.67
N GLY B 207 20.74 -2.67 -5.77
CA GLY B 207 19.86 -2.16 -4.75
C GLY B 207 19.88 -0.67 -4.54
N PHE B 208 20.26 0.08 -5.57
CA PHE B 208 20.41 1.52 -5.42
C PHE B 208 19.28 2.31 -6.06
N TYR B 209 19.12 3.56 -5.62
CA TYR B 209 18.09 4.45 -6.14
C TYR B 209 18.43 5.89 -5.77
N PRO B 210 18.30 6.84 -6.69
CA PRO B 210 17.75 6.65 -8.04
C PRO B 210 18.74 6.01 -9.00
N ALA B 211 18.35 5.92 -10.27
CA ALA B 211 19.11 5.22 -11.33
C ALA B 211 20.47 5.84 -11.67
N ASP B 212 20.57 7.14 -11.43
CA ASP B 212 21.82 7.84 -11.66
C ASP B 212 22.99 7.11 -10.93
N ILE B 213 23.98 6.66 -11.71
CA ILE B 213 25.16 6.00 -11.18
C ILE B 213 26.26 6.00 -12.21
N THR B 214 27.50 5.89 -11.73
CA THR B 214 28.66 5.75 -12.57
C THR B 214 29.62 4.68 -12.05
N LEU B 215 30.06 3.81 -12.94
CA LEU B 215 31.02 2.77 -12.60
C LEU B 215 32.26 2.89 -13.48
N THR B 216 33.43 2.74 -12.89
CA THR B 216 34.68 2.75 -13.66
C THR B 216 35.62 1.69 -13.12
N TRP B 217 36.55 1.24 -13.95
CA TRP B 217 37.63 0.39 -13.51
C TRP B 217 38.89 1.22 -13.65
N GLN B 218 39.79 1.05 -12.69
CA GLN B 218 41.07 1.75 -12.76
C GLN B 218 42.22 0.76 -12.76
N LEU B 219 43.19 1.00 -13.62
CA LEU B 219 44.47 0.31 -13.54
C LEU B 219 45.52 1.29 -13.04
N ASN B 220 45.88 1.17 -11.76
CA ASN B 220 46.84 2.10 -11.15
C ASN B 220 46.61 3.54 -11.60
N GLY B 221 45.72 4.23 -10.91
CA GLY B 221 45.45 5.64 -11.19
C GLY B 221 44.64 5.96 -12.44
N GLU B 222 44.88 5.23 -13.53
CA GLU B 222 44.25 5.55 -14.82
C GLU B 222 42.89 4.83 -15.02
N GLU B 223 41.93 5.51 -15.64
CA GLU B 223 40.61 4.91 -15.86
C GLU B 223 40.54 4.25 -17.22
N LEU B 224 39.93 3.08 -17.29
CA LEU B 224 39.96 2.27 -18.52
C LEU B 224 38.82 2.55 -19.50
N ILE B 225 37.77 3.18 -19.00
CA ILE B 225 36.63 3.64 -19.81
C ILE B 225 36.62 3.18 -21.29
N GLN B 226 37.66 3.51 -22.04
CA GLN B 226 37.70 3.12 -23.45
C GLN B 226 37.82 1.60 -23.62
N ASP B 227 37.65 0.84 -22.53
CA ASP B 227 37.91 -0.59 -22.56
C ASP B 227 37.02 -1.52 -21.70
N MET B 228 36.13 -0.96 -20.91
CA MET B 228 35.20 -1.79 -20.17
C MET B 228 34.03 -2.22 -21.04
N GLU B 229 33.41 -3.33 -20.67
CA GLU B 229 32.06 -3.59 -21.11
C GLU B 229 31.15 -3.12 -19.98
N LEU B 230 29.98 -2.63 -20.35
CA LEU B 230 29.04 -2.11 -19.37
C LEU B 230 27.62 -2.28 -19.89
N VAL B 231 26.69 -2.56 -18.99
CA VAL B 231 25.30 -2.73 -19.41
C VAL B 231 24.55 -1.48 -19.07
N GLU B 232 23.46 -1.25 -19.79
CA GLU B 232 22.56 -0.17 -19.46
C GLU B 232 21.98 -0.41 -18.05
N THR B 233 21.92 0.63 -17.23
CA THR B 233 21.23 0.55 -15.93
C THR B 233 19.82 0.01 -16.06
N ARG B 234 19.46 -0.92 -15.18
CA ARG B 234 18.24 -1.68 -15.30
C ARG B 234 17.54 -1.80 -13.97
N PRO B 235 16.21 -1.83 -14.00
CA PRO B 235 15.40 -2.00 -12.80
C PRO B 235 15.44 -3.39 -12.20
N ALA B 236 15.41 -3.48 -10.87
CA ALA B 236 15.38 -4.76 -10.21
C ALA B 236 13.96 -5.29 -10.19
N GLY B 237 13.01 -4.38 -10.36
CA GLY B 237 11.61 -4.73 -10.34
C GLY B 237 10.99 -4.40 -9.00
N ASP B 238 11.84 -4.14 -8.01
CA ASP B 238 11.33 -3.79 -6.68
C ASP B 238 11.44 -2.28 -6.39
N GLY B 239 11.77 -1.49 -7.40
CA GLY B 239 11.93 -0.07 -7.19
C GLY B 239 13.37 0.36 -7.16
N THR B 240 14.31 -0.58 -7.05
CA THR B 240 15.73 -0.22 -7.14
C THR B 240 16.37 -0.63 -8.47
N PHE B 241 17.64 -0.31 -8.63
CA PHE B 241 18.34 -0.50 -9.90
C PHE B 241 19.64 -1.28 -9.73
N GLN B 242 20.16 -1.76 -10.86
CA GLN B 242 21.32 -2.61 -10.93
C GLN B 242 22.17 -2.10 -12.08
N LYS B 243 23.48 -2.33 -12.01
CA LYS B 243 24.35 -2.07 -13.15
C LYS B 243 25.61 -2.89 -12.92
N TRP B 244 26.35 -3.20 -13.97
CA TRP B 244 27.67 -3.74 -13.77
C TRP B 244 28.61 -3.19 -14.80
N ALA B 245 29.88 -3.21 -14.47
CA ALA B 245 30.89 -2.83 -15.42
C ALA B 245 31.95 -3.91 -15.35
N SER B 246 32.47 -4.33 -16.50
CA SER B 246 33.46 -5.40 -16.49
C SER B 246 34.70 -5.11 -17.33
N VAL B 247 35.82 -5.70 -16.92
CA VAL B 247 37.07 -5.59 -17.64
C VAL B 247 37.76 -6.96 -17.79
N VAL B 248 38.51 -7.14 -18.88
CA VAL B 248 39.35 -8.32 -19.08
C VAL B 248 40.78 -7.98 -18.70
N VAL B 249 41.37 -8.80 -17.84
CA VAL B 249 42.70 -8.56 -17.32
C VAL B 249 43.52 -9.87 -17.35
N PRO B 250 44.85 -9.80 -17.26
CA PRO B 250 45.68 -11.03 -17.23
C PRO B 250 45.46 -11.83 -15.96
N LEU B 251 45.51 -13.15 -16.10
CA LEU B 251 45.42 -14.06 -14.97
C LEU B 251 46.55 -13.76 -14.01
N GLY B 252 46.26 -13.78 -12.72
CA GLY B 252 47.27 -13.40 -11.74
C GLY B 252 47.50 -11.90 -11.56
N LYS B 253 46.77 -11.02 -12.30
CA LYS B 253 46.93 -9.57 -12.10
C LYS B 253 45.66 -8.89 -11.57
N GLU B 254 44.73 -9.69 -11.07
CA GLU B 254 43.45 -9.18 -10.62
C GLU B 254 43.60 -8.07 -9.57
N GLN B 255 44.71 -8.10 -8.83
CA GLN B 255 44.82 -7.23 -7.65
C GLN B 255 45.38 -5.86 -7.98
N TYR B 256 45.75 -5.68 -9.24
CA TYR B 256 46.16 -4.41 -9.79
C TYR B 256 44.98 -3.54 -10.28
N TYR B 257 43.75 -4.02 -10.22
CA TYR B 257 42.64 -3.24 -10.77
C TYR B 257 41.68 -2.83 -9.69
N THR B 258 41.15 -1.64 -9.81
CA THR B 258 40.19 -1.18 -8.82
C THR B 258 38.90 -0.72 -9.49
N CYS B 259 37.79 -1.05 -8.85
CA CYS B 259 36.51 -0.64 -9.36
C CYS B 259 35.98 0.55 -8.55
N HIS B 260 35.43 1.54 -9.24
CA HIS B 260 34.91 2.72 -8.53
C HIS B 260 33.42 2.97 -8.83
N VAL B 261 32.66 3.20 -7.76
CA VAL B 261 31.22 3.34 -7.83
C VAL B 261 30.80 4.73 -7.31
N TYR B 262 30.30 5.59 -8.19
CA TYR B 262 29.90 6.94 -7.82
C TYR B 262 28.37 7.05 -7.79
N HIS B 263 27.81 7.48 -6.65
CA HIS B 263 26.36 7.59 -6.53
C HIS B 263 25.94 8.58 -5.44
N GLN B 264 24.99 9.45 -5.76
CA GLN B 264 24.62 10.51 -4.82
C GLN B 264 24.26 9.97 -3.44
N GLY B 265 23.99 8.68 -3.33
CA GLY B 265 23.66 8.11 -2.04
C GLY B 265 24.92 7.81 -1.26
N LEU B 266 26.07 8.09 -1.87
CA LEU B 266 27.31 7.71 -1.22
C LEU B 266 27.96 8.87 -0.49
N PRO B 267 28.22 8.68 0.80
CA PRO B 267 29.10 9.58 1.55
C PRO B 267 30.31 9.88 0.66
N GLU B 268 31.04 8.82 0.29
CA GLU B 268 32.18 8.91 -0.61
C GLU B 268 32.08 7.79 -1.64
N PRO B 269 32.63 7.99 -2.82
CA PRO B 269 32.67 6.93 -3.83
C PRO B 269 33.21 5.63 -3.23
N LEU B 270 32.68 4.49 -3.66
CA LEU B 270 33.15 3.20 -3.22
C LEU B 270 34.32 2.82 -4.07
N THR B 271 35.31 2.19 -3.45
CA THR B 271 36.51 1.68 -4.11
C THR B 271 36.59 0.22 -3.75
N LEU B 272 36.76 -0.66 -4.74
CA LEU B 272 36.76 -2.11 -4.48
C LEU B 272 37.69 -2.92 -5.37
N ARG B 273 38.06 -4.08 -4.86
CA ARG B 273 39.01 -4.96 -5.49
C ARG B 273 38.41 -6.33 -5.47
N TRP B 274 38.82 -7.14 -6.43
CA TRP B 274 38.41 -8.51 -6.43
C TRP B 274 38.96 -9.20 -5.17
N GLU B 275 38.14 -10.04 -4.56
CA GLU B 275 38.59 -10.80 -3.39
C GLU B 275 38.49 -12.31 -3.64
N PRO B 276 39.59 -13.03 -3.46
CA PRO B 276 39.49 -14.50 -3.42
C PRO B 276 38.48 -14.84 -2.32
N PRO B 277 37.32 -15.38 -2.68
CA PRO B 277 36.28 -15.72 -1.69
C PRO B 277 36.86 -16.50 -0.50
N PRO B 278 36.23 -16.42 0.67
CA PRO B 278 36.73 -17.15 1.82
C PRO B 278 37.46 -18.40 1.35
N ILE C 1 -13.71 -4.88 -0.97
CA ILE C 1 -12.44 -4.66 -0.21
C ILE C 1 -12.38 -5.53 1.05
N GLN C 2 -12.34 -6.85 0.84
CA GLN C 2 -12.39 -7.79 1.94
C GLN C 2 -11.09 -7.78 2.77
N LYS C 3 -11.19 -8.15 4.04
CA LYS C 3 -10.00 -8.27 4.87
C LYS C 3 -9.95 -9.64 5.49
N THR C 4 -8.79 -10.30 5.39
CA THR C 4 -8.60 -11.68 5.89
C THR C 4 -8.49 -11.73 7.42
N PRO C 5 -9.28 -12.59 8.06
CA PRO C 5 -9.22 -12.70 9.51
C PRO C 5 -7.88 -13.21 10.01
N GLN C 6 -7.41 -12.68 11.13
CA GLN C 6 -6.26 -13.25 11.82
C GLN C 6 -6.86 -13.98 13.00
N ILE C 7 -6.17 -15.00 13.50
CA ILE C 7 -6.76 -15.95 14.44
C ILE C 7 -5.74 -16.35 15.47
N GLN C 8 -6.09 -16.29 16.76
CA GLN C 8 -5.31 -17.01 17.75
C GLN C 8 -6.21 -17.95 18.50
N VAL C 9 -5.66 -19.12 18.83
CA VAL C 9 -6.28 -20.11 19.68
C VAL C 9 -5.32 -20.30 20.85
N TYR C 10 -5.86 -20.29 22.06
CA TYR C 10 -5.08 -20.22 23.28
C TYR C 10 -6.07 -20.39 24.42
N SER C 11 -5.62 -20.83 25.59
CA SER C 11 -6.53 -20.94 26.72
C SER C 11 -6.50 -19.70 27.60
N ARG C 12 -7.55 -19.55 28.40
CA ARG C 12 -7.63 -18.46 29.37
C ARG C 12 -6.58 -18.59 30.46
N HIS C 13 -6.43 -19.80 30.96
CA HIS C 13 -5.54 -20.10 32.08
C HIS C 13 -4.46 -21.02 31.58
N PRO C 14 -3.34 -21.06 32.32
CA PRO C 14 -2.22 -21.92 31.92
C PRO C 14 -2.76 -23.34 31.90
N PRO C 15 -2.52 -24.03 30.80
CA PRO C 15 -3.06 -25.38 30.61
C PRO C 15 -2.36 -26.36 31.52
N GLU C 16 -3.15 -27.23 32.14
CA GLU C 16 -2.59 -28.31 32.92
C GLU C 16 -3.48 -29.48 32.61
N ASN C 17 -2.87 -30.61 32.27
CA ASN C 17 -3.64 -31.77 31.86
C ASN C 17 -4.62 -32.21 32.96
N GLY C 18 -5.87 -32.45 32.58
CA GLY C 18 -6.89 -32.89 33.53
C GLY C 18 -7.58 -31.80 34.32
N LYS C 19 -7.24 -30.53 34.07
CA LYS C 19 -7.85 -29.42 34.81
C LYS C 19 -8.71 -28.51 33.93
N PRO C 20 -10.00 -28.45 34.21
CA PRO C 20 -10.95 -27.70 33.38
C PRO C 20 -10.50 -26.28 33.14
N ASN C 21 -10.65 -25.82 31.90
CA ASN C 21 -10.09 -24.55 31.44
C ASN C 21 -11.03 -23.98 30.35
N ILE C 22 -10.69 -22.82 29.79
CA ILE C 22 -11.44 -22.25 28.67
C ILE C 22 -10.51 -22.15 27.47
N LEU C 23 -10.99 -22.61 26.33
CA LEU C 23 -10.22 -22.46 25.11
C LEU C 23 -10.81 -21.34 24.26
N ASN C 24 -9.97 -20.45 23.77
CA ASN C 24 -10.38 -19.24 23.03
C ASN C 24 -10.05 -19.29 21.55
N CYS C 25 -10.89 -18.71 20.72
CA CYS C 25 -10.50 -18.41 19.35
C CYS C 25 -10.82 -16.94 19.10
N TYR C 26 -9.78 -16.11 18.97
CA TYR C 26 -9.89 -14.67 18.86
C TYR C 26 -9.65 -14.32 17.43
N VAL C 27 -10.66 -13.79 16.76
CA VAL C 27 -10.59 -13.52 15.33
C VAL C 27 -10.69 -12.02 15.14
N THR C 28 -9.80 -11.48 14.29
CA THR C 28 -9.62 -10.05 14.13
C THR C 28 -9.39 -9.71 12.68
N GLN C 29 -9.22 -8.41 12.45
CA GLN C 29 -8.79 -7.89 11.16
C GLN C 29 -9.60 -8.40 9.97
N PHE C 30 -10.91 -8.56 10.15
CA PHE C 30 -11.74 -9.07 9.07
C PHE C 30 -12.88 -8.11 8.70
N HIS C 31 -13.30 -8.19 7.44
CA HIS C 31 -14.38 -7.39 6.86
C HIS C 31 -14.72 -8.16 5.57
N PRO C 32 -15.98 -8.39 5.21
CA PRO C 32 -17.16 -7.91 5.94
C PRO C 32 -17.35 -8.67 7.26
N PRO C 33 -18.35 -8.28 8.05
CA PRO C 33 -18.53 -8.87 9.37
C PRO C 33 -19.13 -10.28 9.37
N HIS C 34 -19.75 -10.69 8.29
CA HIS C 34 -20.25 -12.06 8.27
C HIS C 34 -19.09 -13.03 8.39
N ILE C 35 -19.21 -13.99 9.30
CA ILE C 35 -18.14 -14.96 9.52
C ILE C 35 -18.71 -16.18 10.24
N GLU C 36 -18.17 -17.34 9.91
CA GLU C 36 -18.49 -18.58 10.62
C GLU C 36 -17.26 -19.11 11.33
N ILE C 37 -17.39 -19.37 12.63
CA ILE C 37 -16.28 -19.90 13.40
C ILE C 37 -16.70 -21.23 14.03
N GLN C 38 -15.90 -22.27 13.80
CA GLN C 38 -16.10 -23.53 14.50
C GLN C 38 -14.86 -23.85 15.32
N MET C 39 -15.09 -24.51 16.45
CA MET C 39 -14.02 -25.08 17.23
C MET C 39 -14.05 -26.61 17.09
N LEU C 40 -12.89 -27.27 17.15
CA LEU C 40 -12.82 -28.69 16.90
C LEU C 40 -11.90 -29.39 17.88
N LYS C 41 -12.32 -30.57 18.29
CA LYS C 41 -11.53 -31.47 19.09
C LYS C 41 -11.27 -32.71 18.25
N ASN C 42 -10.00 -32.96 17.98
CA ASN C 42 -9.59 -34.08 17.13
C ASN C 42 -10.35 -34.15 15.80
N GLY C 43 -10.48 -33.00 15.13
CA GLY C 43 -11.13 -32.94 13.84
C GLY C 43 -12.65 -32.94 13.88
N LYS C 44 -13.23 -33.16 15.06
CA LYS C 44 -14.67 -33.17 15.21
C LYS C 44 -15.18 -31.86 15.83
N LYS C 45 -16.25 -31.33 15.26
CA LYS C 45 -16.87 -30.10 15.75
C LYS C 45 -17.21 -30.16 17.23
N ILE C 46 -16.92 -29.10 17.96
CA ILE C 46 -17.44 -28.96 19.33
C ILE C 46 -18.83 -28.32 19.21
N PRO C 47 -19.84 -28.91 19.84
CA PRO C 47 -21.23 -28.40 19.82
C PRO C 47 -21.46 -27.01 20.50
N LYS C 48 -21.21 -26.87 21.80
CA LYS C 48 -21.49 -25.58 22.46
C LYS C 48 -20.27 -24.64 22.53
N VAL C 49 -20.23 -23.70 21.61
CA VAL C 49 -19.17 -22.69 21.58
C VAL C 49 -19.82 -21.33 21.78
N GLU C 50 -19.37 -20.55 22.75
CA GLU C 50 -19.95 -19.22 22.90
C GLU C 50 -19.25 -18.20 22.01
N MET C 51 -20.04 -17.25 21.52
CA MET C 51 -19.53 -16.15 20.74
C MET C 51 -19.69 -14.88 21.54
N SER C 52 -18.63 -14.07 21.63
CA SER C 52 -18.82 -12.75 22.19
C SER C 52 -19.66 -11.93 21.21
N ASP C 53 -20.02 -10.72 21.63
CA ASP C 53 -20.58 -9.74 20.73
C ASP C 53 -19.52 -9.29 19.75
N MET C 54 -19.96 -8.93 18.56
CA MET C 54 -19.02 -8.41 17.59
C MET C 54 -18.80 -6.92 17.79
N SER C 55 -17.54 -6.52 17.69
CA SER C 55 -17.16 -5.12 17.81
C SER C 55 -16.27 -4.81 16.63
N PHE C 56 -16.03 -3.53 16.40
CA PHE C 56 -15.12 -3.15 15.30
C PHE C 56 -14.10 -2.11 15.76
N SER C 57 -12.99 -2.02 15.05
CA SER C 57 -11.94 -1.13 15.50
C SER C 57 -11.80 0.11 14.61
N LYS C 58 -10.85 0.99 14.93
CA LYS C 58 -10.72 2.27 14.23
C LYS C 58 -10.39 2.10 12.76
N ASP C 59 -9.77 0.99 12.41
CA ASP C 59 -9.50 0.72 11.00
C ASP C 59 -10.69 0.05 10.30
N TRP C 60 -11.82 -0.04 11.01
CA TRP C 60 -13.07 -0.56 10.46
C TRP C 60 -13.23 -2.08 10.53
N SER C 61 -12.14 -2.80 10.78
CA SER C 61 -12.20 -4.24 10.74
C SER C 61 -12.84 -4.75 12.02
N PHE C 62 -13.48 -5.91 11.92
CA PHE C 62 -14.26 -6.49 12.99
C PHE C 62 -13.42 -7.48 13.78
N TYR C 63 -13.86 -7.75 15.02
CA TYR C 63 -13.23 -8.75 15.84
C TYR C 63 -14.27 -9.37 16.72
N ILE C 64 -13.96 -10.58 17.18
CA ILE C 64 -14.89 -11.38 17.93
C ILE C 64 -14.06 -12.47 18.62
N LEU C 65 -14.52 -12.84 19.80
CA LEU C 65 -13.93 -13.93 20.54
C LEU C 65 -14.93 -15.08 20.64
N ALA C 66 -14.52 -16.25 20.19
CA ALA C 66 -15.27 -17.49 20.44
C ALA C 66 -14.58 -18.32 21.51
N HIS C 67 -15.36 -19.01 22.32
CA HIS C 67 -14.78 -19.80 23.39
C HIS C 67 -15.60 -20.99 23.80
N THR C 68 -14.93 -21.99 24.38
CA THR C 68 -15.60 -23.19 24.85
C THR C 68 -14.85 -23.82 26.01
N GLU C 69 -15.59 -24.46 26.91
CA GLU C 69 -15.02 -25.16 28.06
C GLU C 69 -14.31 -26.44 27.64
N PHE C 70 -13.12 -26.65 28.16
CA PHE C 70 -12.38 -27.85 27.81
C PHE C 70 -11.46 -28.30 28.95
N THR C 71 -11.10 -29.57 28.90
CA THR C 71 -10.12 -30.12 29.80
C THR C 71 -8.99 -30.68 28.94
N PRO C 72 -7.89 -29.95 28.89
CA PRO C 72 -6.77 -30.32 28.03
C PRO C 72 -6.21 -31.67 28.47
N THR C 73 -5.73 -32.46 27.52
CA THR C 73 -4.92 -33.62 27.91
C THR C 73 -3.62 -33.58 27.15
N GLU C 74 -2.85 -34.64 27.37
CA GLU C 74 -1.59 -34.84 26.71
C GLU C 74 -1.75 -34.81 25.18
N THR C 75 -2.71 -35.57 24.66
CA THR C 75 -2.72 -35.83 23.24
C THR C 75 -3.86 -35.19 22.46
N ASP C 76 -4.93 -34.75 23.13
CA ASP C 76 -6.08 -34.18 22.39
C ASP C 76 -5.66 -32.94 21.60
N THR C 77 -6.02 -32.92 20.32
CA THR C 77 -5.72 -31.78 19.47
C THR C 77 -6.95 -30.91 19.38
N TYR C 78 -6.73 -29.61 19.53
CA TYR C 78 -7.81 -28.63 19.44
C TYR C 78 -7.48 -27.69 18.31
N ALA C 79 -8.52 -27.18 17.64
CA ALA C 79 -8.35 -26.24 16.55
C ALA C 79 -9.56 -25.32 16.39
N CYS C 80 -9.34 -24.22 15.68
CA CYS C 80 -10.39 -23.30 15.33
C CYS C 80 -10.48 -23.15 13.81
N ARG C 81 -11.68 -23.28 13.26
CA ARG C 81 -11.85 -23.17 11.81
C ARG C 81 -12.76 -22.03 11.49
N VAL C 82 -12.31 -21.18 10.56
CA VAL C 82 -12.98 -19.93 10.27
C VAL C 82 -13.29 -19.89 8.77
N LYS C 83 -14.54 -19.60 8.43
CA LYS C 83 -14.93 -19.48 7.03
C LYS C 83 -15.27 -18.03 6.73
N HIS C 84 -14.60 -17.45 5.74
CA HIS C 84 -14.81 -16.04 5.45
C HIS C 84 -14.61 -15.81 3.97
N ASP C 85 -15.27 -14.81 3.44
CA ASP C 85 -15.29 -14.59 2.00
C ASP C 85 -14.01 -14.02 1.43
N SER C 86 -13.18 -13.44 2.28
CA SER C 86 -11.86 -13.01 1.87
C SER C 86 -11.00 -14.20 1.43
N MET C 87 -11.34 -15.38 1.91
CA MET C 87 -10.45 -16.51 1.77
C MET C 87 -11.03 -17.58 0.85
N ALA C 88 -10.19 -18.08 -0.07
CA ALA C 88 -10.56 -19.15 -1.00
C ALA C 88 -11.18 -20.30 -0.22
N GLU C 89 -10.49 -20.70 0.85
CA GLU C 89 -10.84 -21.86 1.66
C GLU C 89 -11.04 -21.48 3.14
N PRO C 90 -11.80 -22.30 3.86
CA PRO C 90 -11.85 -22.24 5.32
C PRO C 90 -10.45 -22.38 5.93
N LYS C 91 -10.09 -21.54 6.90
CA LYS C 91 -8.76 -21.62 7.51
C LYS C 91 -8.78 -22.28 8.89
N THR C 92 -7.82 -23.17 9.15
CA THR C 92 -7.77 -23.90 10.41
C THR C 92 -6.48 -23.58 11.18
N VAL C 93 -6.63 -23.16 12.44
CA VAL C 93 -5.47 -22.84 13.27
C VAL C 93 -5.47 -23.74 14.50
N TYR C 94 -4.38 -24.45 14.71
CA TYR C 94 -4.35 -25.44 15.77
C TYR C 94 -3.81 -24.83 17.03
N TRP C 95 -4.47 -25.15 18.13
CA TRP C 95 -3.95 -24.88 19.44
C TRP C 95 -2.56 -25.44 19.68
N ASP C 96 -1.70 -24.55 20.14
CA ASP C 96 -0.39 -24.88 20.64
C ASP C 96 -0.36 -24.30 22.07
N ARG C 97 -0.29 -25.17 23.07
CA ARG C 97 -0.34 -24.75 24.46
C ARG C 97 0.86 -23.88 24.90
N ASP C 98 1.89 -23.82 24.07
CA ASP C 98 3.05 -22.98 24.36
C ASP C 98 2.88 -21.60 23.74
N MET C 99 1.68 -21.30 23.26
CA MET C 99 1.47 -20.08 22.48
C MET C 99 0.17 -19.30 22.78
N ILE D 1 10.19 5.92 -38.88
CA ILE D 1 11.48 5.20 -38.65
C ILE D 1 11.41 4.27 -37.42
N GLN D 2 11.73 2.99 -37.64
CA GLN D 2 11.61 1.95 -36.63
C GLN D 2 12.90 1.73 -35.83
N LYS D 3 12.77 1.27 -34.59
CA LYS D 3 13.93 1.10 -33.73
C LYS D 3 13.92 -0.32 -33.19
N THR D 4 15.11 -0.93 -33.13
CA THR D 4 15.29 -2.33 -32.74
C THR D 4 15.36 -2.49 -31.22
N PRO D 5 14.62 -3.43 -30.67
CA PRO D 5 14.64 -3.68 -29.22
C PRO D 5 16.00 -4.11 -28.69
N GLN D 6 16.38 -3.58 -27.54
CA GLN D 6 17.51 -4.08 -26.77
C GLN D 6 16.93 -4.87 -25.61
N ILE D 7 17.63 -5.92 -25.18
CA ILE D 7 17.07 -6.81 -24.18
C ILE D 7 18.14 -7.22 -23.20
N GLN D 8 17.79 -7.27 -21.92
CA GLN D 8 18.59 -7.91 -20.89
C GLN D 8 17.67 -8.86 -20.15
N VAL D 9 18.25 -9.96 -19.67
CA VAL D 9 17.56 -10.97 -18.92
C VAL D 9 18.44 -11.19 -17.73
N TYR D 10 17.88 -11.01 -16.54
CA TYR D 10 18.65 -11.02 -15.31
C TYR D 10 17.70 -11.28 -14.15
N SER D 11 18.21 -11.74 -13.02
CA SER D 11 17.36 -11.97 -11.85
C SER D 11 17.31 -10.71 -10.97
N ARG D 12 16.27 -10.60 -10.17
CA ARG D 12 16.14 -9.51 -9.22
C ARG D 12 17.21 -9.63 -8.18
N HIS D 13 17.38 -10.83 -7.63
CA HIS D 13 18.36 -11.07 -6.56
C HIS D 13 19.50 -11.93 -7.08
N PRO D 14 20.60 -11.95 -6.34
CA PRO D 14 21.71 -12.85 -6.62
C PRO D 14 21.18 -14.28 -6.74
N PRO D 15 21.43 -14.93 -7.88
CA PRO D 15 20.95 -16.30 -8.11
C PRO D 15 21.50 -17.31 -7.10
N GLU D 16 20.61 -18.02 -6.43
CA GLU D 16 21.02 -19.12 -5.58
C GLU D 16 20.21 -20.31 -6.00
N ASN D 17 20.88 -21.41 -6.36
CA ASN D 17 20.18 -22.59 -6.86
C ASN D 17 19.23 -23.15 -5.80
N GLY D 18 17.99 -23.39 -6.20
CA GLY D 18 16.94 -23.81 -5.30
C GLY D 18 16.27 -22.73 -4.46
N LYS D 19 16.59 -21.47 -4.70
CA LYS D 19 16.01 -20.39 -3.90
C LYS D 19 15.09 -19.51 -4.76
N PRO D 20 13.80 -19.46 -4.42
CA PRO D 20 12.84 -18.67 -5.19
C PRO D 20 13.39 -17.29 -5.49
N ASN D 21 13.14 -16.81 -6.71
CA ASN D 21 13.72 -15.57 -7.19
C ASN D 21 12.76 -14.95 -8.22
N ILE D 22 13.18 -13.85 -8.85
CA ILE D 22 12.40 -13.23 -9.90
C ILE D 22 13.28 -13.09 -11.11
N LEU D 23 12.87 -13.65 -12.23
CA LEU D 23 13.56 -13.42 -13.49
C LEU D 23 12.91 -12.27 -14.28
N ASN D 24 13.75 -11.31 -14.67
CA ASN D 24 13.34 -10.13 -15.43
C ASN D 24 13.74 -10.20 -16.89
N CYS D 25 12.93 -9.55 -17.73
CA CYS D 25 13.28 -9.33 -19.14
C CYS D 25 12.95 -7.90 -19.49
N TYR D 26 14.00 -7.10 -19.65
CA TYR D 26 13.88 -5.66 -19.75
C TYR D 26 14.07 -5.32 -21.20
N VAL D 27 13.08 -4.71 -21.81
CA VAL D 27 13.15 -4.41 -23.21
C VAL D 27 13.01 -2.92 -23.40
N THR D 28 14.02 -2.37 -24.06
CA THR D 28 14.21 -0.94 -24.26
C THR D 28 14.43 -0.64 -25.74
N GLN D 29 14.48 0.67 -26.03
CA GLN D 29 14.89 1.24 -27.32
C GLN D 29 14.03 0.87 -28.53
N PHE D 30 12.77 0.50 -28.32
CA PHE D 30 11.95 0.07 -29.43
C PHE D 30 10.84 1.05 -29.82
N HIS D 31 10.49 1.03 -31.12
CA HIS D 31 9.44 1.82 -31.73
C HIS D 31 9.09 1.13 -33.05
N PRO D 32 7.82 0.91 -33.42
CA PRO D 32 6.60 1.33 -32.67
C PRO D 32 6.38 0.56 -31.37
N PRO D 33 5.40 0.98 -30.55
CA PRO D 33 5.17 0.37 -29.23
C PRO D 33 4.71 -1.09 -29.20
N HIS D 34 4.10 -1.59 -30.28
CA HIS D 34 3.65 -2.99 -30.27
C HIS D 34 4.80 -3.97 -30.22
N ILE D 35 4.72 -4.92 -29.30
CA ILE D 35 5.81 -5.80 -29.07
C ILE D 35 5.28 -7.05 -28.39
N GLU D 36 5.83 -8.21 -28.72
CA GLU D 36 5.40 -9.44 -28.06
C GLU D 36 6.60 -10.04 -27.39
N ILE D 37 6.44 -10.32 -26.10
CA ILE D 37 7.49 -10.80 -25.23
C ILE D 37 7.05 -12.08 -24.55
N GLN D 38 7.84 -13.13 -24.71
CA GLN D 38 7.59 -14.37 -24.00
C GLN D 38 8.84 -14.70 -23.23
N MET D 39 8.66 -15.36 -22.10
CA MET D 39 9.75 -15.92 -21.35
C MET D 39 9.68 -17.43 -21.51
N LEU D 40 10.85 -18.04 -21.71
CA LEU D 40 10.96 -19.46 -21.96
C LEU D 40 11.78 -20.16 -20.90
N LYS D 41 11.33 -21.35 -20.53
CA LYS D 41 12.06 -22.24 -19.65
C LYS D 41 12.39 -23.57 -20.36
N ASN D 42 13.69 -23.79 -20.63
CA ASN D 42 14.13 -24.95 -21.40
C ASN D 42 13.44 -25.03 -22.79
N GLY D 43 13.36 -23.90 -23.47
CA GLY D 43 12.74 -23.84 -24.78
C GLY D 43 11.21 -23.79 -24.75
N LYS D 44 10.60 -24.03 -23.59
CA LYS D 44 9.15 -23.99 -23.49
C LYS D 44 8.59 -22.71 -22.87
N LYS D 45 7.54 -22.19 -23.49
CA LYS D 45 6.81 -21.00 -23.01
C LYS D 45 6.35 -21.08 -21.56
N ILE D 46 6.68 -20.05 -20.79
CA ILE D 46 6.25 -19.93 -19.41
C ILE D 46 4.95 -19.12 -19.45
N PRO D 47 3.89 -19.65 -18.85
CA PRO D 47 2.55 -19.02 -18.95
C PRO D 47 2.32 -17.87 -17.96
N LYS D 48 2.88 -17.99 -16.75
CA LYS D 48 2.71 -16.96 -15.71
C LYS D 48 3.79 -15.87 -15.83
N VAL D 49 3.61 -14.94 -16.76
CA VAL D 49 4.56 -13.84 -16.90
C VAL D 49 3.85 -12.48 -16.79
N GLU D 50 4.29 -11.65 -15.86
CA GLU D 50 3.67 -10.34 -15.65
C GLU D 50 4.41 -9.28 -16.43
N MET D 51 3.67 -8.26 -16.86
CA MET D 51 4.21 -7.18 -17.64
C MET D 51 4.00 -5.86 -16.94
N SER D 52 5.06 -5.07 -16.79
CA SER D 52 4.88 -3.72 -16.27
C SER D 52 4.05 -2.88 -17.27
N ASP D 53 3.70 -1.67 -16.91
CA ASP D 53 3.08 -0.81 -17.90
C ASP D 53 4.16 -0.25 -18.78
N MET D 54 3.79 0.19 -19.97
CA MET D 54 4.76 0.72 -20.92
C MET D 54 5.04 2.22 -20.71
N SER D 55 6.32 2.56 -20.77
CA SER D 55 6.72 3.96 -20.78
C SER D 55 7.56 4.24 -22.03
N PHE D 56 7.77 5.51 -22.32
CA PHE D 56 8.74 5.88 -23.34
C PHE D 56 9.69 6.94 -22.78
N SER D 57 10.87 7.07 -23.37
CA SER D 57 11.82 8.02 -22.78
C SER D 57 12.09 9.25 -23.65
N LYS D 58 13.08 10.06 -23.27
CA LYS D 58 13.34 11.34 -23.95
C LYS D 58 13.56 11.24 -25.47
N ASP D 59 14.07 10.12 -25.95
CA ASP D 59 14.26 9.96 -27.38
C ASP D 59 13.06 9.29 -28.07
N TRP D 60 11.95 9.11 -27.34
CA TRP D 60 10.68 8.65 -27.92
C TRP D 60 10.54 7.15 -27.93
N SER D 61 11.63 6.47 -27.65
CA SER D 61 11.64 5.03 -27.67
C SER D 61 10.93 4.47 -26.43
N PHE D 62 10.34 3.29 -26.60
CA PHE D 62 9.58 2.64 -25.55
C PHE D 62 10.42 1.65 -24.76
N TYR D 63 9.98 1.37 -23.54
CA TYR D 63 10.58 0.37 -22.69
C TYR D 63 9.53 -0.22 -21.77
N ILE D 64 9.71 -1.50 -21.46
CA ILE D 64 8.78 -2.22 -20.63
C ILE D 64 9.62 -3.26 -19.90
N LEU D 65 9.14 -3.71 -18.74
CA LEU D 65 9.75 -4.79 -17.99
C LEU D 65 8.81 -6.01 -17.85
N ALA D 66 9.29 -7.19 -18.25
CA ALA D 66 8.57 -8.46 -18.02
C ALA D 66 9.28 -9.24 -16.93
N HIS D 67 8.54 -9.95 -16.10
CA HIS D 67 9.17 -10.73 -15.03
C HIS D 67 8.34 -11.94 -14.65
N THR D 68 8.97 -12.92 -14.07
CA THR D 68 8.27 -14.14 -13.76
C THR D 68 8.90 -14.74 -12.50
N GLU D 69 8.09 -15.39 -11.67
CA GLU D 69 8.64 -16.10 -10.52
C GLU D 69 9.42 -17.32 -11.02
N PHE D 70 10.56 -17.61 -10.41
CA PHE D 70 11.30 -18.81 -10.79
C PHE D 70 12.31 -19.21 -9.73
N THR D 71 12.75 -20.46 -9.81
CA THR D 71 13.73 -21.02 -8.88
C THR D 71 14.83 -21.66 -9.70
N PRO D 72 15.95 -20.96 -9.82
CA PRO D 72 17.08 -21.45 -10.61
C PRO D 72 17.64 -22.75 -10.07
N THR D 73 18.21 -23.54 -10.96
CA THR D 73 18.87 -24.77 -10.56
C THR D 73 20.11 -24.75 -11.42
N GLU D 74 20.97 -25.73 -11.26
CA GLU D 74 22.21 -25.75 -12.03
C GLU D 74 21.98 -25.90 -13.55
N THR D 75 20.90 -26.55 -13.95
CA THR D 75 20.81 -26.93 -15.36
C THR D 75 19.64 -26.31 -16.13
N ASP D 76 18.68 -25.67 -15.46
CA ASP D 76 17.57 -25.10 -16.20
C ASP D 76 18.03 -23.92 -17.06
N THR D 77 17.54 -23.84 -18.30
CA THR D 77 17.90 -22.77 -19.20
C THR D 77 16.75 -21.80 -19.26
N TYR D 78 17.08 -20.51 -19.19
CA TYR D 78 16.05 -19.50 -19.29
C TYR D 78 16.39 -18.54 -20.40
N ALA D 79 15.35 -17.95 -20.98
CA ALA D 79 15.53 -17.05 -22.10
C ALA D 79 14.31 -16.17 -22.21
N CYS D 80 14.48 -15.09 -22.95
CA CYS D 80 13.39 -14.17 -23.19
C CYS D 80 13.35 -13.99 -24.69
N ARG D 81 12.16 -14.07 -25.26
CA ARG D 81 11.99 -13.98 -26.71
C ARG D 81 11.11 -12.81 -27.08
N VAL D 82 11.56 -12.02 -28.04
CA VAL D 82 10.85 -10.80 -28.39
C VAL D 82 10.57 -10.77 -29.87
N LYS D 83 9.31 -10.49 -30.23
CA LYS D 83 8.91 -10.30 -31.62
C LYS D 83 8.54 -8.84 -31.79
N HIS D 84 8.98 -8.26 -32.90
CA HIS D 84 8.85 -6.84 -33.14
C HIS D 84 9.05 -6.47 -34.61
N ASP D 85 8.19 -5.60 -35.14
CA ASP D 85 8.31 -5.16 -36.53
C ASP D 85 9.74 -4.85 -37.01
N SER D 86 10.51 -4.09 -36.23
CA SER D 86 11.89 -3.79 -36.60
C SER D 86 12.77 -4.99 -36.96
N MET D 87 12.31 -6.22 -36.78
CA MET D 87 13.17 -7.38 -37.07
C MET D 87 12.44 -8.43 -37.90
N ALA D 88 13.17 -9.10 -38.78
CA ALA D 88 12.62 -10.19 -39.55
C ALA D 88 12.22 -11.36 -38.64
N GLU D 89 13.11 -11.74 -37.73
CA GLU D 89 12.86 -12.92 -36.91
C GLU D 89 12.71 -12.52 -35.45
N PRO D 90 11.97 -13.31 -34.69
CA PRO D 90 11.96 -13.20 -33.24
C PRO D 90 13.37 -13.39 -32.68
N LYS D 91 13.71 -12.58 -31.68
CA LYS D 91 15.05 -12.54 -31.12
C LYS D 91 15.01 -13.13 -29.72
N THR D 92 15.78 -14.19 -29.51
CA THR D 92 15.82 -14.85 -28.23
C THR D 92 17.11 -14.48 -27.51
N VAL D 93 17.03 -14.18 -26.23
CA VAL D 93 18.19 -13.77 -25.45
C VAL D 93 18.20 -14.65 -24.23
N TYR D 94 19.36 -15.27 -23.94
CA TYR D 94 19.42 -16.31 -22.93
C TYR D 94 19.88 -15.73 -21.64
N TRP D 95 19.37 -16.28 -20.55
CA TRP D 95 19.80 -15.85 -19.22
C TRP D 95 21.22 -16.31 -18.89
N ASP D 96 22.07 -15.33 -18.58
CA ASP D 96 23.42 -15.59 -18.13
C ASP D 96 23.55 -15.18 -16.65
N ARG D 97 23.75 -16.18 -15.79
CA ARG D 97 23.91 -16.00 -14.35
C ARG D 97 24.97 -14.95 -13.95
N ASP D 98 25.95 -14.71 -14.81
CA ASP D 98 27.02 -13.77 -14.48
C ASP D 98 26.84 -12.43 -15.18
N MET D 99 25.64 -12.20 -15.72
CA MET D 99 25.32 -10.94 -16.40
C MET D 99 24.02 -10.26 -15.96
N ILE E 1 -24.89 10.21 25.36
CA ILE E 1 -25.95 9.83 24.40
C ILE E 1 -25.45 10.06 22.97
N ASN E 2 -26.08 9.39 22.02
CA ASN E 2 -25.65 9.42 20.62
C ASN E 2 -26.28 10.57 19.89
N PHE E 3 -25.69 10.89 18.74
CA PHE E 3 -26.24 11.87 17.82
C PHE E 3 -27.49 11.30 17.15
N ASP E 4 -28.43 12.18 16.80
CA ASP E 4 -29.58 11.85 15.94
C ASP E 4 -29.14 11.88 14.49
N PHE E 5 -28.98 10.73 13.82
CA PHE E 5 -28.46 10.76 12.46
C PHE E 5 -29.53 11.04 11.40
N ASN E 6 -29.15 11.86 10.42
CA ASN E 6 -29.88 11.99 9.16
C ASN E 6 -29.29 11.07 8.08
N THR E 7 -29.82 11.13 6.87
CA THR E 7 -29.36 10.28 5.77
C THR E 7 -28.24 10.91 4.95
N ILE E 8 -27.39 10.04 4.37
CA ILE E 8 -26.34 10.44 3.45
C ILE E 8 -26.95 10.85 2.11
N ILE F 1 -0.80 18.94 -12.64
CA ILE F 1 -1.86 18.58 -13.61
C ILE F 1 -1.41 18.82 -15.05
N ASN F 2 -1.99 18.06 -15.98
CA ASN F 2 -1.58 18.08 -17.37
C ASN F 2 -2.19 19.25 -18.13
N PHE F 3 -1.74 19.45 -19.37
CA PHE F 3 -2.28 20.43 -20.27
C PHE F 3 -3.52 19.89 -20.96
N ASP F 4 -4.40 20.83 -21.27
CA ASP F 4 -5.57 20.61 -22.08
C ASP F 4 -5.14 20.80 -23.56
N PHE F 5 -5.17 19.74 -24.37
CA PHE F 5 -4.69 19.88 -25.75
C PHE F 5 -5.83 20.17 -26.72
N ASN F 6 -5.58 21.11 -27.62
CA ASN F 6 -6.34 21.19 -28.85
C ASN F 6 -5.57 20.39 -29.89
N THR F 7 -5.98 20.51 -31.15
CA THR F 7 -5.49 19.61 -32.19
C THR F 7 -4.32 20.15 -33.01
N ILE F 8 -3.90 19.37 -33.99
CA ILE F 8 -2.84 19.74 -34.93
C ILE F 8 -3.44 20.43 -36.16
#